data_5RLA
#
_entry.id   5RLA
#
_cell.length_a   88.900
_cell.length_b   88.900
_cell.length_c   105.100
_cell.angle_alpha   90.00
_cell.angle_beta   90.00
_cell.angle_gamma   120.00
#
_symmetry.space_group_name_H-M   'P 32'
#
loop_
_entity.id
_entity.type
_entity.pdbx_description
1 polymer ARGINASE
2 non-polymer 'MANGANESE (II) ION'
3 water water
#
_entity_poly.entity_id   1
_entity_poly.type   'polypeptide(L)'
_entity_poly.pdbx_seq_one_letter_code
;MSSKPKPIEIIGAPFSKGQPRGGVEKGPAALRKAGLVEKLKETEYNVRDHGDLAFVDVPNDSPFQIVKNPRSVGKANEQL
AAVVAETQKNGTISVVLGGDNSMAIGSISGHARVHPDLCVIWVDAHTDINTPLTTSSGNLHGQPVAFLLKELKGKFPDVP
GFSWVTPCISAKDIVYIGLRDVDPGEHYIIKTLGIKYFSMTEVDKLGIGKVMEETFSYLLGRKKRPIHLSFDVDGLDPVF
TPATGTPVVGGLSYREGLYITEEIYKTGLLSGLDIMEVNPTLGKTPEEVTRTVNTAVALTLSCFGTKREGNHKPETDYLK
PPK
;
_entity_poly.pdbx_strand_id   A,B,C
#
loop_
_chem_comp.id
_chem_comp.type
_chem_comp.name
_chem_comp.formula
MN non-polymer 'MANGANESE (II) ION' 'Mn 2'
#
# COMPACT_ATOMS: atom_id res chain seq x y z
N LYS A 6 -31.14 -1.31 17.14
CA LYS A 6 -32.09 -1.71 16.06
C LYS A 6 -31.64 -3.06 15.54
N PRO A 7 -32.58 -3.87 15.05
CA PRO A 7 -32.22 -5.20 14.52
C PRO A 7 -31.61 -4.97 13.12
N ILE A 8 -31.15 -6.04 12.48
CA ILE A 8 -30.56 -5.94 11.14
C ILE A 8 -31.42 -6.89 10.32
N GLU A 9 -31.76 -6.51 9.08
CA GLU A 9 -32.50 -7.41 8.21
C GLU A 9 -31.79 -7.58 6.89
N ILE A 10 -31.37 -8.81 6.59
CA ILE A 10 -30.68 -9.14 5.33
C ILE A 10 -31.73 -9.34 4.19
N ILE A 11 -31.53 -8.64 3.09
CA ILE A 11 -32.42 -8.69 1.95
C ILE A 11 -31.57 -8.98 0.72
N GLY A 12 -31.78 -10.11 0.08
CA GLY A 12 -30.98 -10.45 -1.08
C GLY A 12 -31.60 -9.96 -2.36
N ALA A 13 -30.81 -9.29 -3.19
CA ALA A 13 -31.28 -8.78 -4.47
C ALA A 13 -30.44 -9.44 -5.58
N PRO A 14 -30.72 -10.71 -5.91
CA PRO A 14 -29.97 -11.40 -6.97
C PRO A 14 -30.39 -10.96 -8.37
N PHE A 15 -30.05 -9.72 -8.71
CA PHE A 15 -30.39 -9.14 -10.02
C PHE A 15 -29.15 -8.76 -10.86
N SER A 16 -29.18 -9.06 -12.16
CA SER A 16 -28.04 -8.74 -13.01
C SER A 16 -28.38 -8.12 -14.37
N LYS A 17 -29.62 -7.67 -14.54
CA LYS A 17 -30.03 -7.05 -15.78
C LYS A 17 -29.52 -5.62 -15.86
N GLY A 18 -28.85 -5.16 -14.82
CA GLY A 18 -28.32 -3.81 -14.79
C GLY A 18 -27.06 -3.64 -15.62
N GLN A 19 -26.50 -4.77 -16.04
CA GLN A 19 -25.30 -4.72 -16.85
C GLN A 19 -25.23 -5.94 -17.79
N PRO A 20 -24.38 -5.86 -18.84
CA PRO A 20 -24.15 -6.85 -19.88
C PRO A 20 -23.76 -8.30 -19.57
N ARG A 21 -23.15 -8.56 -18.42
CA ARG A 21 -22.74 -9.93 -18.07
C ARG A 21 -23.54 -10.54 -16.91
N GLY A 22 -23.83 -11.83 -17.02
CA GLY A 22 -24.54 -12.50 -15.94
C GLY A 22 -23.54 -12.85 -14.86
N GLY A 23 -24.01 -13.13 -13.66
CA GLY A 23 -23.09 -13.49 -12.59
C GLY A 23 -23.37 -12.82 -11.26
N VAL A 24 -23.62 -11.51 -11.25
CA VAL A 24 -23.88 -10.81 -10.00
C VAL A 24 -25.07 -11.33 -9.23
N GLU A 25 -25.92 -12.13 -9.88
CA GLU A 25 -27.08 -12.71 -9.21
C GLU A 25 -26.64 -13.79 -8.19
N LYS A 26 -25.41 -14.30 -8.38
CA LYS A 26 -24.85 -15.31 -7.50
C LYS A 26 -24.14 -14.65 -6.33
N GLY A 27 -24.13 -13.32 -6.32
CA GLY A 27 -23.51 -12.60 -5.23
C GLY A 27 -24.09 -12.94 -3.87
N PRO A 28 -25.43 -12.86 -3.71
CA PRO A 28 -26.06 -13.17 -2.43
C PRO A 28 -25.79 -14.60 -1.96
N ALA A 29 -25.85 -15.56 -2.88
CA ALA A 29 -25.61 -16.98 -2.59
C ALA A 29 -24.20 -17.19 -2.04
N ALA A 30 -23.22 -16.57 -2.69
CA ALA A 30 -21.80 -16.65 -2.29
C ALA A 30 -21.53 -16.01 -0.93
N LEU A 31 -22.08 -14.82 -0.70
CA LEU A 31 -21.87 -14.15 0.57
C LEU A 31 -22.47 -14.96 1.72
N ARG A 32 -23.63 -15.57 1.45
CA ARG A 32 -24.35 -16.38 2.44
C ARG A 32 -23.56 -17.63 2.77
N LYS A 33 -23.10 -18.30 1.72
CA LYS A 33 -22.31 -19.51 1.84
C LYS A 33 -21.02 -19.29 2.67
N ALA A 34 -20.51 -18.08 2.71
CA ALA A 34 -19.30 -17.80 3.49
C ALA A 34 -19.67 -17.58 4.95
N GLY A 35 -20.94 -17.76 5.28
CA GLY A 35 -21.43 -17.58 6.65
C GLY A 35 -21.71 -16.15 7.07
N LEU A 36 -22.05 -15.29 6.12
CA LEU A 36 -22.30 -13.88 6.43
C LEU A 36 -23.31 -13.66 7.56
N VAL A 37 -24.42 -14.39 7.49
CA VAL A 37 -25.47 -14.24 8.49
C VAL A 37 -25.10 -14.80 9.88
N GLU A 38 -24.47 -15.96 9.90
CA GLU A 38 -24.06 -16.58 11.13
C GLU A 38 -23.07 -15.68 11.84
N LYS A 39 -22.07 -15.19 11.10
CA LYS A 39 -21.06 -14.30 11.66
C LYS A 39 -21.71 -13.00 12.22
N LEU A 40 -22.69 -12.46 11.49
CA LEU A 40 -23.40 -11.24 11.90
C LEU A 40 -24.11 -11.45 13.22
N LYS A 41 -24.66 -12.64 13.41
CA LYS A 41 -25.37 -13.01 14.63
C LYS A 41 -24.50 -12.95 15.89
N GLU A 42 -23.18 -13.07 15.72
CA GLU A 42 -22.28 -13.02 16.86
C GLU A 42 -22.02 -11.60 17.32
N THR A 43 -22.67 -10.61 16.71
CA THR A 43 -22.45 -9.23 17.10
C THR A 43 -23.53 -8.82 18.07
N GLU A 44 -23.44 -7.59 18.60
CA GLU A 44 -24.43 -7.10 19.54
C GLU A 44 -25.66 -6.61 18.75
N TYR A 45 -26.16 -7.44 17.84
CA TYR A 45 -27.29 -7.07 16.99
C TYR A 45 -28.17 -8.26 16.72
N ASN A 46 -29.47 -8.03 16.55
CA ASN A 46 -30.42 -9.12 16.26
C ASN A 46 -30.49 -9.21 14.75
N VAL A 47 -30.19 -10.37 14.20
CA VAL A 47 -30.20 -10.54 12.75
C VAL A 47 -31.34 -11.41 12.20
N ARG A 48 -32.15 -10.84 11.30
CA ARG A 48 -33.24 -11.57 10.67
C ARG A 48 -32.91 -11.61 9.21
N ASP A 49 -32.94 -12.77 8.59
CA ASP A 49 -32.64 -12.86 7.16
C ASP A 49 -33.93 -12.98 6.34
N HIS A 50 -34.33 -11.89 5.71
CA HIS A 50 -35.55 -11.86 4.91
C HIS A 50 -35.52 -12.81 3.72
N GLY A 51 -34.33 -13.22 3.26
CA GLY A 51 -34.25 -14.12 2.11
C GLY A 51 -34.01 -13.37 0.81
N ASP A 52 -34.00 -14.08 -0.32
CA ASP A 52 -33.78 -13.44 -1.62
C ASP A 52 -35.07 -13.11 -2.36
N LEU A 53 -35.19 -11.87 -2.86
CA LEU A 53 -36.37 -11.45 -3.61
C LEU A 53 -36.42 -12.21 -4.93
N ALA A 54 -37.63 -12.50 -5.37
CA ALA A 54 -37.85 -13.23 -6.63
C ALA A 54 -38.36 -12.17 -7.59
N PHE A 55 -37.60 -11.96 -8.65
CA PHE A 55 -37.97 -10.95 -9.62
C PHE A 55 -38.63 -11.54 -10.86
N VAL A 56 -39.86 -11.11 -11.14
CA VAL A 56 -40.59 -11.55 -12.32
C VAL A 56 -40.02 -10.86 -13.56
N ASP A 57 -39.61 -11.64 -14.55
CA ASP A 57 -39.03 -11.10 -15.78
C ASP A 57 -40.10 -10.53 -16.72
N VAL A 58 -40.01 -9.24 -17.01
CA VAL A 58 -40.96 -8.57 -17.91
C VAL A 58 -40.70 -9.00 -19.38
N PRO A 59 -41.71 -9.63 -20.03
CA PRO A 59 -41.60 -10.10 -21.42
C PRO A 59 -41.61 -8.96 -22.45
N ASN A 60 -40.90 -9.15 -23.57
CA ASN A 60 -40.80 -8.15 -24.65
C ASN A 60 -40.33 -6.79 -24.06
N ASP A 61 -39.15 -6.83 -23.46
CA ASP A 61 -38.55 -5.66 -22.83
C ASP A 61 -37.62 -4.99 -23.82
N SER A 62 -38.22 -4.35 -24.83
CA SER A 62 -37.48 -3.66 -25.89
C SER A 62 -36.68 -2.50 -25.31
N PRO A 63 -35.43 -2.31 -25.77
CA PRO A 63 -34.60 -1.21 -25.26
C PRO A 63 -35.33 0.11 -25.43
N PHE A 64 -35.18 1.03 -24.46
CA PHE A 64 -35.82 2.32 -24.58
C PHE A 64 -35.18 2.96 -25.81
N GLN A 65 -33.91 3.36 -25.67
CA GLN A 65 -33.15 3.93 -26.78
C GLN A 65 -31.89 3.08 -26.75
N ILE A 66 -30.82 3.60 -26.14
CA ILE A 66 -29.57 2.85 -25.98
C ILE A 66 -29.78 2.04 -24.70
N VAL A 67 -30.64 2.57 -23.81
CA VAL A 67 -30.96 1.95 -22.51
C VAL A 67 -31.51 0.54 -22.64
N LYS A 68 -30.90 -0.38 -21.91
CA LYS A 68 -31.28 -1.79 -21.96
C LYS A 68 -32.08 -2.25 -20.73
N ASN A 69 -32.96 -3.23 -20.96
CA ASN A 69 -33.84 -3.81 -19.92
C ASN A 69 -34.50 -2.79 -18.97
N PRO A 70 -35.00 -1.66 -19.51
CA PRO A 70 -35.62 -0.64 -18.65
C PRO A 70 -36.78 -1.10 -17.77
N ARG A 71 -37.63 -1.99 -18.30
CA ARG A 71 -38.79 -2.47 -17.56
C ARG A 71 -38.46 -3.49 -16.48
N SER A 72 -37.56 -4.42 -16.77
CA SER A 72 -37.17 -5.43 -15.79
C SER A 72 -36.41 -4.78 -14.61
N VAL A 73 -35.57 -3.80 -14.93
CA VAL A 73 -34.79 -3.10 -13.92
C VAL A 73 -35.67 -2.18 -13.10
N GLY A 74 -36.58 -1.47 -13.76
CA GLY A 74 -37.49 -0.58 -13.04
C GLY A 74 -38.46 -1.34 -12.12
N LYS A 75 -39.00 -2.44 -12.63
CA LYS A 75 -39.92 -3.27 -11.87
C LYS A 75 -39.22 -3.84 -10.63
N ALA A 76 -38.07 -4.49 -10.85
CA ALA A 76 -37.27 -5.10 -9.78
C ALA A 76 -36.96 -4.11 -8.68
N ASN A 77 -36.70 -2.87 -9.06
CA ASN A 77 -36.41 -1.84 -8.08
C ASN A 77 -37.63 -1.40 -7.33
N GLU A 78 -38.78 -1.35 -8.03
CA GLU A 78 -40.02 -0.96 -7.37
C GLU A 78 -40.32 -2.00 -6.29
N GLN A 79 -40.11 -3.25 -6.67
CA GLN A 79 -40.32 -4.34 -5.77
C GLN A 79 -39.40 -4.20 -4.56
N LEU A 80 -38.10 -4.01 -4.81
CA LEU A 80 -37.13 -3.85 -3.73
C LEU A 80 -37.37 -2.63 -2.86
N ALA A 81 -37.83 -1.54 -3.46
CA ALA A 81 -38.09 -0.31 -2.70
C ALA A 81 -39.20 -0.54 -1.67
N ALA A 82 -40.25 -1.23 -2.08
CA ALA A 82 -41.36 -1.54 -1.18
C ALA A 82 -40.87 -2.36 0.05
N VAL A 83 -40.09 -3.43 -0.20
CA VAL A 83 -39.56 -4.23 0.89
C VAL A 83 -38.71 -3.42 1.85
N VAL A 84 -37.73 -2.70 1.32
CA VAL A 84 -36.84 -1.87 2.13
C VAL A 84 -37.65 -0.86 2.97
N ALA A 85 -38.72 -0.35 2.40
CA ALA A 85 -39.52 0.61 3.13
C ALA A 85 -40.23 -0.07 4.32
N GLU A 86 -40.66 -1.30 4.10
CA GLU A 86 -41.34 -2.03 5.15
C GLU A 86 -40.42 -2.21 6.35
N THR A 87 -39.22 -2.72 6.12
CA THR A 87 -38.29 -2.96 7.22
C THR A 87 -37.84 -1.69 7.93
N GLN A 88 -37.54 -0.65 7.17
CA GLN A 88 -37.12 0.63 7.72
C GLN A 88 -38.23 1.20 8.61
N LYS A 89 -39.46 0.94 8.20
CA LYS A 89 -40.67 1.37 8.89
C LYS A 89 -40.70 0.71 10.27
N ASN A 90 -40.33 -0.58 10.32
CA ASN A 90 -40.32 -1.33 11.58
C ASN A 90 -39.13 -1.02 12.48
N GLY A 91 -38.33 -0.02 12.11
CA GLY A 91 -37.18 0.36 12.92
C GLY A 91 -35.92 -0.50 12.77
N THR A 92 -35.78 -1.22 11.65
CA THR A 92 -34.58 -2.06 11.45
C THR A 92 -33.60 -1.44 10.46
N ILE A 93 -32.40 -2.01 10.41
CA ILE A 93 -31.32 -1.56 9.52
C ILE A 93 -31.31 -2.54 8.35
N SER A 94 -31.53 -2.05 7.14
CA SER A 94 -31.54 -2.95 6.00
C SER A 94 -30.14 -3.13 5.38
N VAL A 95 -29.81 -4.38 5.03
CA VAL A 95 -28.55 -4.74 4.39
C VAL A 95 -28.93 -5.46 3.09
N VAL A 96 -28.67 -4.82 1.94
CA VAL A 96 -29.01 -5.42 0.64
C VAL A 96 -27.76 -6.06 0.04
N LEU A 97 -27.88 -7.31 -0.37
CA LEU A 97 -26.75 -8.01 -0.94
C LEU A 97 -26.98 -8.06 -2.45
N GLY A 98 -26.20 -7.29 -3.20
CA GLY A 98 -26.36 -7.28 -4.65
C GLY A 98 -25.71 -8.50 -5.30
N GLY A 99 -25.87 -8.67 -6.62
CA GLY A 99 -26.65 -7.73 -7.41
C GLY A 99 -25.83 -6.55 -7.88
N ASP A 100 -26.14 -6.04 -9.07
CA ASP A 100 -25.41 -4.91 -9.59
C ASP A 100 -25.94 -3.59 -9.07
N ASN A 101 -25.19 -2.51 -9.31
CA ASN A 101 -25.54 -1.18 -8.83
C ASN A 101 -26.90 -0.62 -9.18
N SER A 102 -27.59 -1.15 -10.19
CA SER A 102 -28.91 -0.60 -10.56
C SER A 102 -29.88 -0.77 -9.40
N MET A 103 -29.66 -1.82 -8.60
CA MET A 103 -30.49 -2.12 -7.45
C MET A 103 -30.32 -1.09 -6.34
N ALA A 104 -29.47 -0.10 -6.56
CA ALA A 104 -29.24 0.93 -5.57
C ALA A 104 -30.38 1.94 -5.68
N ILE A 105 -31.11 1.86 -6.80
CA ILE A 105 -32.26 2.77 -7.02
C ILE A 105 -33.37 2.41 -6.03
N GLY A 106 -33.74 1.11 -5.99
CA GLY A 106 -34.77 0.64 -5.09
C GLY A 106 -34.39 0.80 -3.64
N SER A 107 -33.15 0.41 -3.32
CA SER A 107 -32.62 0.48 -1.97
C SER A 107 -32.65 1.89 -1.36
N ILE A 108 -32.15 2.88 -2.09
CA ILE A 108 -32.12 4.23 -1.57
C ILE A 108 -33.51 4.88 -1.54
N SER A 109 -34.32 4.61 -2.56
CA SER A 109 -35.70 5.12 -2.65
C SER A 109 -36.46 4.61 -1.43
N GLY A 110 -36.54 3.28 -1.30
CA GLY A 110 -37.20 2.70 -0.16
C GLY A 110 -36.76 3.39 1.13
N HIS A 111 -35.46 3.35 1.41
CA HIS A 111 -34.90 3.96 2.61
C HIS A 111 -35.36 5.42 2.78
N ALA A 112 -35.43 6.16 1.68
CA ALA A 112 -35.83 7.57 1.74
C ALA A 112 -37.30 7.86 2.00
N ARG A 113 -38.20 6.93 1.63
CA ARG A 113 -39.63 7.10 1.92
C ARG A 113 -39.82 7.16 3.43
N VAL A 114 -39.05 6.35 4.17
CA VAL A 114 -39.11 6.33 5.61
C VAL A 114 -38.20 7.39 6.25
N HIS A 115 -37.02 7.60 5.68
CA HIS A 115 -36.08 8.60 6.22
C HIS A 115 -35.72 9.62 5.16
N PRO A 116 -36.59 10.60 4.96
CA PRO A 116 -36.41 11.65 3.95
C PRO A 116 -35.20 12.54 4.09
N ASP A 117 -34.55 12.52 5.24
CA ASP A 117 -33.36 13.38 5.45
C ASP A 117 -32.02 12.64 5.42
N LEU A 118 -31.99 11.43 4.88
CA LEU A 118 -30.75 10.67 4.82
C LEU A 118 -29.68 11.26 3.88
N CYS A 119 -28.44 10.83 4.09
CA CYS A 119 -27.32 11.23 3.25
C CYS A 119 -26.77 9.92 2.74
N VAL A 120 -26.06 9.96 1.61
CA VAL A 120 -25.50 8.76 1.02
C VAL A 120 -24.00 8.87 0.91
N ILE A 121 -23.30 7.79 1.26
CA ILE A 121 -21.87 7.76 1.14
C ILE A 121 -21.67 6.64 0.14
N TRP A 122 -21.23 7.02 -1.05
CA TRP A 122 -21.02 6.12 -2.18
C TRP A 122 -19.54 5.80 -2.34
N VAL A 123 -19.18 4.57 -1.98
CA VAL A 123 -17.79 4.10 -2.06
C VAL A 123 -17.74 3.26 -3.32
N ASP A 124 -16.96 3.72 -4.29
CA ASP A 124 -16.92 3.09 -5.61
C ASP A 124 -15.76 3.68 -6.44
N ALA A 125 -15.36 2.98 -7.47
CA ALA A 125 -14.35 3.49 -8.36
C ALA A 125 -15.07 4.38 -9.36
N HIS A 126 -16.39 4.33 -9.34
CA HIS A 126 -17.22 5.06 -10.30
C HIS A 126 -18.31 5.92 -9.67
N THR A 127 -18.73 6.97 -10.37
CA THR A 127 -19.82 7.83 -9.90
C THR A 127 -21.21 7.25 -10.22
N ASP A 128 -21.26 6.42 -11.26
CA ASP A 128 -22.51 5.80 -11.71
C ASP A 128 -23.66 6.83 -11.82
N ILE A 129 -23.34 7.96 -12.45
CA ILE A 129 -24.24 9.10 -12.65
C ILE A 129 -24.54 9.45 -14.13
N ASN A 130 -24.45 8.47 -15.02
CA ASN A 130 -24.78 8.69 -16.43
C ASN A 130 -26.29 8.74 -16.62
N THR A 131 -26.80 9.72 -17.36
CA THR A 131 -28.24 9.76 -17.62
C THR A 131 -28.42 8.91 -18.87
N PRO A 132 -29.68 8.53 -19.19
CA PRO A 132 -29.98 7.73 -20.37
C PRO A 132 -29.42 8.39 -21.65
N LEU A 133 -29.13 9.69 -21.57
CA LEU A 133 -28.60 10.43 -22.69
C LEU A 133 -27.08 10.32 -22.77
N THR A 134 -26.40 10.61 -21.67
CA THR A 134 -24.96 10.56 -21.61
C THR A 134 -24.32 9.17 -21.72
N THR A 135 -25.01 8.13 -21.25
CA THR A 135 -24.49 6.75 -21.31
C THR A 135 -23.93 6.38 -22.68
N SER A 136 -22.78 5.70 -22.68
CA SER A 136 -22.18 5.25 -23.93
C SER A 136 -22.60 3.80 -24.20
N SER A 137 -23.33 3.24 -23.24
CA SER A 137 -23.86 1.87 -23.32
C SER A 137 -25.27 1.95 -22.75
N GLY A 138 -26.06 0.89 -22.89
CA GLY A 138 -27.40 0.97 -22.33
C GLY A 138 -27.43 0.77 -20.84
N ASN A 139 -26.50 -0.05 -20.37
CA ASN A 139 -26.33 -0.45 -18.98
C ASN A 139 -26.77 0.50 -17.86
N LEU A 140 -27.79 0.07 -17.11
CA LEU A 140 -28.36 0.87 -16.02
C LEU A 140 -27.53 0.86 -14.74
N HIS A 141 -26.69 -0.16 -14.59
CA HIS A 141 -25.85 -0.24 -13.41
C HIS A 141 -24.98 1.01 -13.31
N GLY A 142 -24.77 1.69 -14.43
CA GLY A 142 -23.96 2.90 -14.43
C GLY A 142 -24.78 4.18 -14.38
N GLN A 143 -26.07 4.04 -14.07
CA GLN A 143 -26.97 5.19 -14.01
C GLN A 143 -27.78 5.42 -12.73
N PRO A 144 -27.60 4.60 -11.68
CA PRO A 144 -28.39 4.79 -10.45
C PRO A 144 -28.56 6.20 -9.94
N VAL A 145 -27.47 6.86 -9.62
CA VAL A 145 -27.58 8.20 -9.06
C VAL A 145 -28.35 9.23 -9.93
N ALA A 146 -28.38 9.04 -11.26
CA ALA A 146 -29.08 9.97 -12.16
C ALA A 146 -30.58 9.92 -11.89
N PHE A 147 -31.09 8.73 -11.62
CA PHE A 147 -32.51 8.54 -11.30
C PHE A 147 -32.91 9.00 -9.88
N LEU A 148 -31.95 9.31 -9.02
CA LEU A 148 -32.25 9.69 -7.63
C LEU A 148 -32.03 11.12 -7.29
N LEU A 149 -31.25 11.82 -8.12
CA LEU A 149 -30.95 13.23 -7.86
C LEU A 149 -32.09 14.18 -8.24
N LYS A 150 -32.42 15.07 -7.31
CA LYS A 150 -33.46 16.02 -7.56
C LYS A 150 -33.03 16.92 -8.73
N GLU A 151 -31.83 17.51 -8.63
CA GLU A 151 -31.29 18.41 -9.65
C GLU A 151 -31.21 17.89 -11.07
N LEU A 152 -31.46 16.60 -11.30
CA LEU A 152 -31.38 16.02 -12.63
C LEU A 152 -32.74 15.59 -13.15
N LYS A 153 -33.77 15.99 -12.40
CA LYS A 153 -35.16 15.71 -12.71
C LYS A 153 -35.54 16.42 -14.02
N GLY A 154 -35.95 15.64 -15.02
CA GLY A 154 -36.32 16.23 -16.29
C GLY A 154 -35.17 16.59 -17.24
N LYS A 155 -33.94 16.32 -16.83
CA LYS A 155 -32.81 16.64 -17.71
C LYS A 155 -32.65 15.47 -18.66
N PHE A 156 -33.62 14.54 -18.65
CA PHE A 156 -33.62 13.38 -19.53
C PHE A 156 -35.04 12.82 -19.64
N PRO A 157 -35.35 12.09 -20.72
CA PRO A 157 -36.69 11.50 -20.93
C PRO A 157 -37.14 10.46 -19.90
N ASP A 158 -38.44 10.35 -19.70
CA ASP A 158 -39.00 9.38 -18.76
C ASP A 158 -38.77 7.96 -19.28
N VAL A 159 -38.16 7.12 -18.46
CA VAL A 159 -37.87 5.74 -18.86
C VAL A 159 -38.95 4.73 -18.42
N PRO A 160 -39.35 3.83 -19.32
CA PRO A 160 -40.37 2.82 -18.98
C PRO A 160 -39.95 1.96 -17.77
N GLY A 161 -40.82 1.86 -16.77
CA GLY A 161 -40.54 1.06 -15.60
C GLY A 161 -40.09 1.85 -14.38
N PHE A 162 -39.78 3.13 -14.61
CA PHE A 162 -39.31 4.00 -13.52
C PHE A 162 -40.26 5.15 -13.16
N SER A 163 -41.53 5.03 -13.58
CA SER A 163 -42.54 6.06 -13.29
C SER A 163 -42.70 6.28 -11.80
N TRP A 164 -42.56 5.21 -11.03
CA TRP A 164 -42.69 5.23 -9.58
C TRP A 164 -41.58 5.98 -8.85
N VAL A 165 -40.46 6.18 -9.53
CA VAL A 165 -39.31 6.82 -8.92
C VAL A 165 -39.53 8.28 -8.58
N THR A 166 -39.11 8.71 -7.40
CA THR A 166 -39.24 10.11 -7.00
C THR A 166 -37.86 10.50 -6.50
N PRO A 167 -37.21 11.49 -7.17
CA PRO A 167 -35.87 11.95 -6.78
C PRO A 167 -35.90 12.30 -5.32
N CYS A 168 -35.18 11.50 -4.53
CA CYS A 168 -35.13 11.67 -3.08
C CYS A 168 -33.97 12.46 -2.48
N ILE A 169 -32.79 12.43 -3.10
CA ILE A 169 -31.63 13.14 -2.55
C ILE A 169 -31.18 14.28 -3.46
N SER A 170 -30.70 15.35 -2.86
CA SER A 170 -30.20 16.47 -3.64
C SER A 170 -28.68 16.35 -3.71
N ALA A 171 -28.06 17.18 -4.54
CA ALA A 171 -26.61 17.16 -4.73
C ALA A 171 -25.78 17.38 -3.45
N LYS A 172 -26.39 17.91 -2.40
CA LYS A 172 -25.69 18.15 -1.16
C LYS A 172 -25.83 17.01 -0.16
N ASP A 173 -26.42 15.91 -0.58
CA ASP A 173 -26.63 14.78 0.33
C ASP A 173 -25.83 13.55 -0.02
N ILE A 174 -24.99 13.65 -1.05
CA ILE A 174 -24.22 12.50 -1.47
C ILE A 174 -22.74 12.87 -1.49
N VAL A 175 -21.90 11.93 -1.05
CA VAL A 175 -20.44 12.08 -1.07
C VAL A 175 -19.88 10.81 -1.69
N TYR A 176 -18.92 10.96 -2.60
CA TYR A 176 -18.31 9.84 -3.28
C TYR A 176 -16.94 9.66 -2.70
N ILE A 177 -16.47 8.41 -2.63
CA ILE A 177 -15.13 8.11 -2.12
C ILE A 177 -14.58 6.97 -2.95
N GLY A 178 -13.36 7.15 -3.44
CA GLY A 178 -12.68 6.12 -4.24
C GLY A 178 -12.69 6.24 -5.76
N LEU A 179 -13.16 7.39 -6.27
CA LEU A 179 -13.25 7.64 -7.72
C LEU A 179 -11.91 7.56 -8.46
N ARG A 180 -11.94 6.91 -9.62
CA ARG A 180 -10.78 6.71 -10.44
C ARG A 180 -11.18 6.22 -11.84
N ASP A 181 -12.44 6.37 -12.21
CA ASP A 181 -12.89 5.90 -13.53
C ASP A 181 -14.22 6.57 -13.89
N VAL A 182 -14.18 7.88 -14.05
CA VAL A 182 -15.35 8.68 -14.38
C VAL A 182 -15.42 9.06 -15.89
N ASP A 183 -16.62 9.01 -16.45
CA ASP A 183 -16.80 9.40 -17.84
C ASP A 183 -16.89 10.93 -18.00
N PRO A 184 -16.61 11.45 -19.21
CA PRO A 184 -16.67 12.90 -19.40
C PRO A 184 -17.97 13.50 -18.93
N GLY A 185 -19.09 12.87 -19.32
CA GLY A 185 -20.44 13.31 -18.96
C GLY A 185 -20.71 13.35 -17.47
N GLU A 186 -20.31 12.25 -16.81
CA GLU A 186 -20.42 12.12 -15.36
C GLU A 186 -19.54 13.20 -14.77
N HIS A 187 -18.34 13.39 -15.32
CA HIS A 187 -17.44 14.40 -14.79
C HIS A 187 -18.04 15.78 -14.95
N TYR A 188 -18.75 15.96 -16.07
CA TYR A 188 -19.39 17.22 -16.35
C TYR A 188 -20.44 17.46 -15.26
N ILE A 189 -21.31 16.46 -15.07
CA ILE A 189 -22.40 16.51 -14.08
C ILE A 189 -21.96 16.81 -12.65
N ILE A 190 -20.97 16.06 -12.14
CA ILE A 190 -20.48 16.26 -10.77
C ILE A 190 -19.75 17.60 -10.60
N LYS A 191 -19.18 18.08 -11.70
CA LYS A 191 -18.50 19.37 -11.68
C LYS A 191 -19.53 20.50 -11.72
N THR A 192 -20.53 20.35 -12.59
CA THR A 192 -21.58 21.33 -12.74
C THR A 192 -22.42 21.48 -11.47
N LEU A 193 -23.03 20.36 -11.04
CA LEU A 193 -23.90 20.34 -9.86
C LEU A 193 -23.24 20.57 -8.53
N GLY A 194 -21.92 20.61 -8.49
CA GLY A 194 -21.26 20.90 -7.24
C GLY A 194 -21.20 19.77 -6.24
N ILE A 195 -21.21 18.53 -6.72
CA ILE A 195 -21.15 17.34 -5.86
C ILE A 195 -19.80 17.15 -5.14
N LYS A 196 -19.84 16.74 -3.87
CA LYS A 196 -18.63 16.53 -3.09
C LYS A 196 -18.09 15.13 -3.32
N TYR A 197 -16.78 15.02 -3.51
CA TYR A 197 -16.15 13.73 -3.76
C TYR A 197 -14.67 13.70 -3.35
N PHE A 198 -14.16 12.49 -3.17
CA PHE A 198 -12.76 12.24 -2.82
C PHE A 198 -12.31 11.13 -3.76
N SER A 199 -11.69 11.50 -4.86
CA SER A 199 -11.22 10.49 -5.81
C SER A 199 -9.90 9.98 -5.23
N MET A 200 -9.33 8.96 -5.87
CA MET A 200 -8.07 8.41 -5.39
C MET A 200 -7.01 9.46 -5.18
N THR A 201 -7.02 10.52 -5.97
CA THR A 201 -6.01 11.56 -5.80
C THR A 201 -6.17 12.35 -4.46
N GLU A 202 -7.39 12.53 -3.98
CA GLU A 202 -7.58 13.22 -2.71
C GLU A 202 -7.24 12.22 -1.57
N VAL A 203 -7.60 10.96 -1.75
CA VAL A 203 -7.27 9.97 -0.73
C VAL A 203 -5.76 9.98 -0.58
N ASP A 204 -5.05 10.01 -1.71
CA ASP A 204 -3.57 10.05 -1.75
C ASP A 204 -3.04 11.30 -1.07
N LYS A 205 -3.66 12.42 -1.33
CA LYS A 205 -3.21 13.68 -0.74
C LYS A 205 -3.53 13.86 0.76
N LEU A 206 -4.76 13.51 1.15
CA LEU A 206 -5.23 13.68 2.52
C LEU A 206 -5.03 12.49 3.48
N GLY A 207 -5.19 11.30 2.94
CA GLY A 207 -5.08 10.12 3.76
C GLY A 207 -6.50 9.76 4.18
N ILE A 208 -6.82 8.47 4.23
CA ILE A 208 -8.16 8.06 4.61
C ILE A 208 -8.72 8.66 5.91
N GLY A 209 -7.87 8.87 6.90
CA GLY A 209 -8.36 9.46 8.13
C GLY A 209 -8.96 10.84 7.94
N LYS A 210 -8.23 11.75 7.29
CA LYS A 210 -8.70 13.12 7.08
C LYS A 210 -9.88 13.12 6.08
N VAL A 211 -9.91 12.10 5.22
CA VAL A 211 -10.98 11.98 4.24
C VAL A 211 -12.28 11.71 4.96
N MET A 212 -12.32 10.70 5.84
CA MET A 212 -13.55 10.37 6.59
C MET A 212 -13.99 11.53 7.50
N GLU A 213 -13.00 12.17 8.10
CA GLU A 213 -13.22 13.31 8.99
C GLU A 213 -13.92 14.40 8.18
N GLU A 214 -13.47 14.57 6.94
CA GLU A 214 -14.02 15.56 6.03
C GLU A 214 -15.43 15.26 5.61
N THR A 215 -15.72 14.01 5.26
CA THR A 215 -17.08 13.65 4.83
C THR A 215 -18.11 13.77 5.97
N PHE A 216 -17.72 13.41 7.19
CA PHE A 216 -18.61 13.52 8.32
C PHE A 216 -18.99 14.95 8.66
N SER A 217 -18.08 15.91 8.56
CA SER A 217 -18.48 17.28 8.85
C SER A 217 -19.24 17.90 7.67
N TYR A 218 -19.01 17.42 6.45
CA TYR A 218 -19.75 17.94 5.30
C TYR A 218 -21.19 17.49 5.49
N LEU A 219 -21.36 16.18 5.60
CA LEU A 219 -22.69 15.58 5.73
C LEU A 219 -23.45 15.80 7.04
N LEU A 220 -22.77 15.61 8.17
CA LEU A 220 -23.36 15.74 9.50
C LEU A 220 -22.99 17.02 10.29
N GLY A 221 -22.32 17.96 9.65
CA GLY A 221 -21.91 19.16 10.36
C GLY A 221 -23.02 20.06 10.84
N ARG A 222 -24.04 20.22 9.99
CA ARG A 222 -25.17 21.07 10.31
C ARG A 222 -26.16 20.35 11.24
N LYS A 223 -26.39 19.07 10.99
CA LYS A 223 -27.31 18.29 11.83
C LYS A 223 -27.19 16.79 11.50
N LYS A 224 -27.31 15.95 12.52
CA LYS A 224 -27.24 14.49 12.37
C LYS A 224 -28.44 13.94 11.62
N ARG A 225 -28.20 12.95 10.77
CA ARG A 225 -29.26 12.35 9.99
C ARG A 225 -28.81 10.96 9.62
N PRO A 226 -29.74 10.04 9.33
CA PRO A 226 -29.36 8.66 8.97
C PRO A 226 -28.47 8.57 7.75
N ILE A 227 -27.58 7.59 7.78
CA ILE A 227 -26.61 7.34 6.72
C ILE A 227 -26.88 6.09 5.89
N HIS A 228 -26.87 6.20 4.57
CA HIS A 228 -27.03 5.01 3.72
C HIS A 228 -25.66 4.81 3.08
N LEU A 229 -25.00 3.70 3.39
CA LEU A 229 -23.69 3.41 2.82
C LEU A 229 -23.84 2.46 1.65
N SER A 230 -23.66 2.95 0.43
CA SER A 230 -23.79 2.06 -0.72
C SER A 230 -22.36 1.68 -1.07
N PHE A 231 -22.00 0.42 -0.81
CA PHE A 231 -20.66 -0.08 -1.03
C PHE A 231 -20.45 -0.99 -2.23
N ASP A 232 -19.66 -0.51 -3.19
CA ASP A 232 -19.36 -1.28 -4.38
C ASP A 232 -17.98 -1.84 -4.22
N VAL A 233 -17.96 -3.16 -4.20
CA VAL A 233 -16.75 -3.92 -4.02
C VAL A 233 -15.58 -3.49 -4.92
N ASP A 234 -15.85 -2.81 -6.04
CA ASP A 234 -14.75 -2.37 -6.92
C ASP A 234 -14.07 -1.07 -6.47
N GLY A 235 -14.58 -0.50 -5.37
CA GLY A 235 -13.97 0.70 -4.84
C GLY A 235 -12.61 0.32 -4.25
N LEU A 236 -12.39 -0.97 -4.02
CA LEU A 236 -11.11 -1.44 -3.47
C LEU A 236 -10.28 -1.95 -4.65
N ASP A 237 -8.97 -2.04 -4.46
CA ASP A 237 -8.10 -2.47 -5.53
C ASP A 237 -8.39 -3.89 -5.96
N PRO A 238 -8.31 -4.16 -7.28
CA PRO A 238 -8.57 -5.50 -7.84
C PRO A 238 -7.74 -6.61 -7.21
N VAL A 239 -6.72 -6.23 -6.49
CA VAL A 239 -5.85 -7.21 -5.85
C VAL A 239 -6.57 -7.81 -4.61
N PHE A 240 -7.53 -7.05 -4.07
CA PHE A 240 -8.33 -7.46 -2.90
C PHE A 240 -9.71 -8.00 -3.27
N THR A 241 -10.39 -7.32 -4.20
CA THR A 241 -11.72 -7.74 -4.65
C THR A 241 -11.74 -7.90 -6.18
N PRO A 242 -11.04 -8.94 -6.69
CA PRO A 242 -10.99 -9.17 -8.15
C PRO A 242 -12.27 -9.61 -8.85
N ALA A 243 -13.11 -10.38 -8.16
CA ALA A 243 -14.35 -10.89 -8.74
C ALA A 243 -15.53 -9.90 -8.94
N THR A 244 -15.33 -8.85 -9.73
CA THR A 244 -16.37 -7.84 -10.05
C THR A 244 -16.30 -7.64 -11.57
N GLY A 245 -17.26 -6.93 -12.12
CA GLY A 245 -17.28 -6.71 -13.56
C GLY A 245 -16.46 -5.56 -14.13
N THR A 246 -16.20 -4.53 -13.33
CA THR A 246 -15.45 -3.37 -13.81
C THR A 246 -14.29 -3.01 -12.89
N PRO A 247 -13.31 -3.91 -12.73
CA PRO A 247 -12.16 -3.62 -11.87
C PRO A 247 -11.28 -2.54 -12.50
N VAL A 248 -10.68 -1.68 -11.67
CA VAL A 248 -9.85 -0.57 -12.13
C VAL A 248 -8.67 -0.51 -11.17
N VAL A 249 -7.44 -0.72 -11.64
CA VAL A 249 -6.29 -0.68 -10.72
C VAL A 249 -6.13 0.67 -10.08
N GLY A 250 -5.43 0.69 -8.95
CA GLY A 250 -5.20 1.93 -8.23
C GLY A 250 -6.26 2.24 -7.19
N GLY A 251 -6.84 1.17 -6.62
CA GLY A 251 -7.90 1.34 -5.64
C GLY A 251 -7.56 1.51 -4.16
N LEU A 252 -8.62 1.59 -3.36
CA LEU A 252 -8.51 1.70 -1.91
C LEU A 252 -8.01 0.34 -1.48
N SER A 253 -7.25 0.34 -0.40
CA SER A 253 -6.69 -0.91 0.11
C SER A 253 -7.65 -1.52 1.11
N TYR A 254 -7.42 -2.79 1.42
CA TYR A 254 -8.21 -3.51 2.41
C TYR A 254 -8.29 -2.67 3.71
N ARG A 255 -7.16 -2.17 4.15
CA ARG A 255 -7.11 -1.35 5.35
C ARG A 255 -7.96 -0.12 5.21
N GLU A 256 -7.81 0.58 4.10
CA GLU A 256 -8.55 1.81 3.86
C GLU A 256 -10.04 1.52 3.86
N GLY A 257 -10.41 0.37 3.26
CA GLY A 257 -11.80 -0.06 3.21
C GLY A 257 -12.34 -0.24 4.63
N LEU A 258 -11.67 -1.08 5.44
CA LEU A 258 -12.07 -1.33 6.83
C LEU A 258 -12.03 -0.07 7.68
N TYR A 259 -11.20 0.91 7.33
CA TYR A 259 -11.19 2.14 8.11
C TYR A 259 -12.48 2.94 7.84
N ILE A 260 -12.96 2.89 6.61
CA ILE A 260 -14.18 3.58 6.19
C ILE A 260 -15.32 3.00 7.02
N THR A 261 -15.55 1.69 6.91
CA THR A 261 -16.61 1.01 7.64
C THR A 261 -16.48 1.22 9.17
N GLU A 262 -15.27 1.08 9.68
CA GLU A 262 -15.04 1.28 11.12
C GLU A 262 -15.44 2.66 11.60
N GLU A 263 -15.19 3.69 10.80
CA GLU A 263 -15.54 5.03 11.23
C GLU A 263 -17.04 5.23 11.19
N ILE A 264 -17.68 4.57 10.22
CA ILE A 264 -19.11 4.68 10.03
C ILE A 264 -19.84 4.08 11.22
N TYR A 265 -19.39 2.91 11.66
CA TYR A 265 -19.99 2.29 12.83
C TYR A 265 -19.98 3.30 14.00
N LYS A 266 -18.85 3.93 14.24
CA LYS A 266 -18.72 4.87 15.34
C LYS A 266 -19.69 6.04 15.36
N THR A 267 -20.33 6.37 14.24
CA THR A 267 -21.25 7.50 14.25
C THR A 267 -22.58 7.05 14.83
N GLY A 268 -22.82 5.76 14.68
CA GLY A 268 -24.06 5.19 15.19
C GLY A 268 -25.24 5.60 14.36
N LEU A 269 -24.95 6.10 13.16
CA LEU A 269 -26.00 6.55 12.27
C LEU A 269 -26.26 5.65 11.07
N LEU A 270 -25.52 4.56 10.95
CA LEU A 270 -25.72 3.68 9.83
C LEU A 270 -27.16 3.14 9.86
N SER A 271 -27.93 3.50 8.83
CA SER A 271 -29.33 3.10 8.69
C SER A 271 -29.60 2.18 7.49
N GLY A 272 -28.79 2.27 6.44
CA GLY A 272 -28.98 1.41 5.27
C GLY A 272 -27.60 1.07 4.74
N LEU A 273 -27.44 -0.12 4.16
CA LEU A 273 -26.14 -0.57 3.64
C LEU A 273 -26.31 -1.51 2.45
N ASP A 274 -25.48 -1.34 1.42
CA ASP A 274 -25.54 -2.20 0.25
C ASP A 274 -24.17 -2.73 0.03
N ILE A 275 -24.07 -3.98 -0.42
CA ILE A 275 -22.81 -4.66 -0.74
C ILE A 275 -23.05 -5.14 -2.15
N MET A 276 -22.65 -4.31 -3.09
CA MET A 276 -22.93 -4.64 -4.47
C MET A 276 -21.79 -5.15 -5.33
N GLU A 277 -22.17 -5.64 -6.48
CA GLU A 277 -21.23 -6.08 -7.50
C GLU A 277 -20.37 -7.32 -7.35
N VAL A 278 -20.54 -8.11 -6.28
CA VAL A 278 -19.76 -9.34 -6.08
C VAL A 278 -20.18 -10.40 -7.10
N ASN A 279 -19.38 -10.57 -8.15
CA ASN A 279 -19.67 -11.51 -9.23
C ASN A 279 -18.82 -12.76 -9.10
N PRO A 280 -19.36 -13.82 -8.45
CA PRO A 280 -18.66 -15.07 -8.24
C PRO A 280 -18.10 -15.72 -9.51
N THR A 281 -18.71 -15.50 -10.68
CA THR A 281 -18.23 -16.13 -11.93
C THR A 281 -17.06 -15.44 -12.63
N LEU A 282 -16.61 -14.28 -12.13
CA LEU A 282 -15.51 -13.56 -12.79
C LEU A 282 -14.12 -13.73 -12.19
N GLY A 283 -13.96 -14.63 -11.23
CA GLY A 283 -12.63 -14.82 -10.66
C GLY A 283 -11.89 -15.81 -11.53
N LYS A 284 -10.63 -15.53 -11.88
CA LYS A 284 -9.86 -16.46 -12.71
C LYS A 284 -9.74 -17.82 -11.98
N THR A 285 -9.37 -17.75 -10.72
CA THR A 285 -9.21 -18.94 -9.91
C THR A 285 -10.15 -18.85 -8.70
N PRO A 286 -10.52 -20.00 -8.11
CA PRO A 286 -11.40 -20.00 -6.94
C PRO A 286 -10.89 -19.07 -5.83
N GLU A 287 -9.58 -19.02 -5.63
CA GLU A 287 -9.01 -18.16 -4.59
C GLU A 287 -9.41 -16.69 -4.76
N GLU A 288 -9.67 -16.27 -5.98
CA GLU A 288 -10.06 -14.89 -6.25
C GLU A 288 -11.47 -14.63 -5.76
N VAL A 289 -12.32 -15.66 -5.86
CA VAL A 289 -13.71 -15.56 -5.38
C VAL A 289 -13.69 -15.48 -3.85
N THR A 290 -12.97 -16.41 -3.22
CA THR A 290 -12.83 -16.41 -1.79
C THR A 290 -12.32 -15.07 -1.28
N ARG A 291 -11.29 -14.57 -1.95
CA ARG A 291 -10.71 -13.31 -1.54
C ARG A 291 -11.73 -12.16 -1.61
N THR A 292 -12.46 -12.02 -2.72
CA THR A 292 -13.47 -10.98 -2.86
C THR A 292 -14.57 -11.14 -1.82
N VAL A 293 -15.10 -12.36 -1.71
CA VAL A 293 -16.17 -12.66 -0.77
C VAL A 293 -15.75 -12.36 0.67
N ASN A 294 -14.57 -12.83 1.08
CA ASN A 294 -14.12 -12.57 2.44
C ASN A 294 -13.99 -11.09 2.76
N THR A 295 -13.49 -10.30 1.83
CA THR A 295 -13.36 -8.88 2.13
C THR A 295 -14.73 -8.21 2.16
N ALA A 296 -15.67 -8.68 1.33
CA ALA A 296 -17.03 -8.14 1.31
C ALA A 296 -17.68 -8.38 2.70
N VAL A 297 -17.54 -9.62 3.19
CA VAL A 297 -18.04 -10.03 4.50
C VAL A 297 -17.37 -9.19 5.60
N ALA A 298 -16.04 -9.18 5.62
CA ALA A 298 -15.30 -8.41 6.62
C ALA A 298 -15.75 -6.95 6.69
N LEU A 299 -16.12 -6.37 5.54
CA LEU A 299 -16.58 -4.97 5.48
C LEU A 299 -17.94 -4.90 6.13
N THR A 300 -18.76 -5.91 5.89
CA THR A 300 -20.09 -5.93 6.48
C THR A 300 -20.04 -6.00 8.00
N LEU A 301 -19.27 -6.94 8.56
CA LEU A 301 -19.14 -7.06 10.03
C LEU A 301 -18.53 -5.81 10.67
N SER A 302 -17.61 -5.16 9.97
CA SER A 302 -16.96 -3.96 10.50
C SER A 302 -18.01 -2.88 10.71
N CYS A 303 -18.95 -2.76 9.76
CA CYS A 303 -20.04 -1.80 9.85
C CYS A 303 -20.84 -2.02 11.13
N PHE A 304 -20.93 -3.30 11.55
CA PHE A 304 -21.69 -3.67 12.74
C PHE A 304 -20.93 -3.93 14.04
N GLY A 305 -19.79 -3.26 14.17
CA GLY A 305 -19.02 -3.35 15.40
C GLY A 305 -17.68 -4.00 15.46
N THR A 306 -17.44 -4.96 14.57
CA THR A 306 -16.14 -5.63 14.60
C THR A 306 -14.98 -4.62 14.42
N LYS A 307 -14.10 -4.62 15.40
CA LYS A 307 -12.93 -3.74 15.43
C LYS A 307 -11.66 -4.57 15.29
N ARG A 308 -10.65 -3.97 14.66
CA ARG A 308 -9.38 -4.65 14.45
C ARG A 308 -8.58 -4.77 15.76
N GLU A 309 -8.77 -3.79 16.65
CA GLU A 309 -8.11 -3.80 17.96
C GLU A 309 -8.74 -4.91 18.83
N GLY A 310 -9.82 -5.52 18.33
CA GLY A 310 -10.49 -6.57 19.06
C GLY A 310 -11.76 -6.09 19.71
N ASN A 311 -12.61 -7.04 20.07
CA ASN A 311 -13.90 -6.76 20.71
C ASN A 311 -14.08 -7.78 21.84
N HIS A 312 -14.88 -7.42 22.84
CA HIS A 312 -15.17 -8.33 23.93
C HIS A 312 -16.55 -8.04 24.48
N LYS A 313 -17.26 -9.11 24.85
CA LYS A 313 -18.62 -9.02 25.42
C LYS A 313 -18.51 -8.35 26.79
N PRO A 314 -19.23 -7.23 26.98
CA PRO A 314 -19.20 -6.54 28.27
C PRO A 314 -20.06 -7.37 29.23
N GLU A 315 -19.96 -7.05 30.52
CA GLU A 315 -20.69 -7.78 31.57
C GLU A 315 -20.10 -9.16 31.82
N THR A 316 -19.21 -9.61 30.94
CA THR A 316 -18.52 -10.89 31.12
C THR A 316 -17.16 -10.50 31.70
N ASP A 317 -16.72 -11.25 32.71
CA ASP A 317 -15.43 -10.97 33.33
C ASP A 317 -14.45 -12.07 32.96
N TYR A 318 -13.38 -11.67 32.27
CA TYR A 318 -12.34 -12.60 31.86
C TYR A 318 -11.33 -12.46 33.00
N LEU A 319 -10.58 -13.53 33.28
CA LEU A 319 -9.59 -13.59 34.38
C LEU A 319 -10.19 -14.30 35.60
N LYS B 6 1.52 24.49 -25.85
CA LYS B 6 2.73 24.02 -26.59
C LYS B 6 2.38 22.66 -27.14
N PRO B 7 2.98 22.27 -28.27
CA PRO B 7 2.66 20.94 -28.81
C PRO B 7 3.52 19.96 -28.02
N ILE B 8 3.37 18.67 -28.33
CA ILE B 8 4.11 17.59 -27.69
C ILE B 8 4.86 16.90 -28.85
N GLU B 9 6.12 16.51 -28.65
CA GLU B 9 6.81 15.79 -29.70
C GLU B 9 7.40 14.54 -29.13
N ILE B 10 6.95 13.38 -29.61
CA ILE B 10 7.43 12.07 -29.16
C ILE B 10 8.74 11.76 -29.91
N ILE B 11 9.78 11.37 -29.17
CA ILE B 11 11.10 11.02 -29.71
C ILE B 11 11.55 9.68 -29.13
N GLY B 12 11.58 8.62 -29.93
CA GLY B 12 12.02 7.35 -29.41
C GLY B 12 13.55 7.22 -29.42
N ALA B 13 14.12 6.77 -28.30
CA ALA B 13 15.58 6.56 -28.18
C ALA B 13 15.81 5.07 -27.87
N PRO B 14 15.64 4.19 -28.87
CA PRO B 14 15.82 2.76 -28.66
C PRO B 14 17.27 2.36 -28.49
N PHE B 15 17.84 2.68 -27.34
CA PHE B 15 19.25 2.41 -27.07
C PHE B 15 19.42 1.57 -25.81
N SER B 16 20.36 0.63 -25.80
CA SER B 16 20.58 -0.19 -24.61
C SER B 16 22.01 -0.48 -24.25
N LYS B 17 22.96 0.23 -24.84
CA LYS B 17 24.39 0.01 -24.56
C LYS B 17 24.75 0.60 -23.19
N GLY B 18 23.77 1.23 -22.54
CA GLY B 18 24.00 1.84 -21.24
C GLY B 18 24.09 0.84 -20.12
N GLN B 19 23.65 -0.37 -20.40
CA GLN B 19 23.69 -1.44 -19.41
C GLN B 19 23.91 -2.81 -20.07
N PRO B 20 24.33 -3.81 -19.28
CA PRO B 20 24.64 -5.19 -19.67
C PRO B 20 23.62 -6.07 -20.39
N ARG B 21 22.34 -5.75 -20.31
CA ARG B 21 21.35 -6.61 -20.97
C ARG B 21 20.66 -5.92 -22.13
N GLY B 22 20.32 -6.69 -23.16
CA GLY B 22 19.58 -6.11 -24.27
C GLY B 22 18.11 -6.10 -23.86
N GLY B 23 17.29 -5.32 -24.54
CA GLY B 23 15.87 -5.31 -24.20
C GLY B 23 15.23 -3.94 -24.19
N VAL B 24 15.86 -2.98 -23.51
CA VAL B 24 15.32 -1.63 -23.42
C VAL B 24 15.12 -0.93 -24.76
N GLU B 25 15.70 -1.48 -25.82
CA GLU B 25 15.55 -0.86 -27.15
C GLU B 25 14.15 -1.11 -27.70
N LYS B 26 13.49 -2.12 -27.13
CA LYS B 26 12.12 -2.46 -27.54
C LYS B 26 11.09 -1.66 -26.75
N GLY B 27 11.56 -0.85 -25.81
CA GLY B 27 10.68 -0.03 -25.00
C GLY B 27 9.80 0.91 -25.84
N PRO B 28 10.40 1.70 -26.72
CA PRO B 28 9.61 2.62 -27.55
C PRO B 28 8.54 1.86 -28.37
N ALA B 29 8.92 0.71 -28.93
CA ALA B 29 8.01 -0.15 -29.74
C ALA B 29 6.77 -0.55 -28.92
N ALA B 30 7.03 -1.12 -27.76
CA ALA B 30 6.01 -1.57 -26.83
C ALA B 30 5.07 -0.43 -26.42
N LEU B 31 5.65 0.70 -26.04
CA LEU B 31 4.86 1.85 -25.61
C LEU B 31 3.93 2.33 -26.72
N ARG B 32 4.44 2.34 -27.96
CA ARG B 32 3.68 2.79 -29.13
C ARG B 32 2.55 1.83 -29.47
N LYS B 33 2.89 0.54 -29.48
CA LYS B 33 1.95 -0.54 -29.78
C LYS B 33 0.75 -0.52 -28.79
N ALA B 34 0.97 -0.02 -27.58
CA ALA B 34 -0.07 0.09 -26.56
C ALA B 34 -0.98 1.28 -26.80
N GLY B 35 -0.69 2.04 -27.85
CA GLY B 35 -1.52 3.19 -28.19
C GLY B 35 -1.15 4.50 -27.51
N LEU B 36 0.09 4.62 -27.03
CA LEU B 36 0.51 5.85 -26.35
C LEU B 36 0.28 7.11 -27.16
N VAL B 37 0.58 7.08 -28.45
CA VAL B 37 0.41 8.30 -29.25
C VAL B 37 -1.05 8.62 -29.52
N GLU B 38 -1.82 7.58 -29.81
CA GLU B 38 -3.25 7.75 -30.09
C GLU B 38 -3.92 8.33 -28.87
N LYS B 39 -3.67 7.72 -27.71
CA LYS B 39 -4.25 8.18 -26.45
C LYS B 39 -3.86 9.61 -26.13
N LEU B 40 -2.61 9.97 -26.44
CA LEU B 40 -2.14 11.32 -26.19
C LEU B 40 -2.91 12.33 -27.01
N LYS B 41 -3.23 11.95 -28.25
CA LYS B 41 -3.99 12.83 -29.16
C LYS B 41 -5.35 13.22 -28.63
N GLU B 42 -5.87 12.46 -27.69
CA GLU B 42 -7.18 12.75 -27.13
C GLU B 42 -7.10 13.76 -26.00
N THR B 43 -5.94 14.36 -25.81
CA THR B 43 -5.81 15.38 -24.76
C THR B 43 -5.87 16.77 -25.42
N GLU B 44 -5.80 17.81 -24.58
CA GLU B 44 -5.82 19.20 -25.05
C GLU B 44 -4.44 19.62 -25.55
N TYR B 45 -3.77 18.75 -26.32
CA TYR B 45 -2.42 19.00 -26.83
C TYR B 45 -2.25 18.46 -28.23
N ASN B 46 -1.41 19.12 -29.03
CA ASN B 46 -1.16 18.68 -30.40
C ASN B 46 0.03 17.75 -30.28
N VAL B 47 -0.11 16.54 -30.80
CA VAL B 47 0.95 15.54 -30.71
C VAL B 47 1.61 15.19 -32.04
N ARG B 48 2.93 15.42 -32.15
CA ARG B 48 3.66 15.06 -33.36
C ARG B 48 4.63 13.96 -32.99
N ASP B 49 4.63 12.83 -33.68
CA ASP B 49 5.57 11.76 -33.35
C ASP B 49 6.78 11.78 -34.29
N HIS B 50 7.90 12.27 -33.79
CA HIS B 50 9.15 12.37 -34.54
C HIS B 50 9.70 11.02 -34.98
N GLY B 51 9.30 9.94 -34.31
CA GLY B 51 9.81 8.63 -34.69
C GLY B 51 11.03 8.22 -33.91
N ASP B 52 11.58 7.05 -34.21
CA ASP B 52 12.74 6.55 -33.49
C ASP B 52 14.09 6.94 -34.10
N LEU B 53 15.01 7.40 -33.25
CA LEU B 53 16.33 7.77 -33.70
C LEU B 53 17.07 6.52 -34.12
N ALA B 54 17.90 6.66 -35.16
CA ALA B 54 18.70 5.55 -35.66
C ALA B 54 20.10 5.83 -35.14
N PHE B 55 20.64 4.93 -34.34
CA PHE B 55 21.96 5.14 -33.79
C PHE B 55 23.02 4.31 -34.51
N VAL B 56 24.07 4.98 -35.03
CA VAL B 56 25.15 4.29 -35.73
C VAL B 56 26.10 3.73 -34.70
N ASP B 57 26.35 2.44 -34.78
CA ASP B 57 27.23 1.75 -33.83
C ASP B 57 28.72 2.01 -34.11
N VAL B 58 29.42 2.61 -33.14
CA VAL B 58 30.85 2.91 -33.25
C VAL B 58 31.70 1.63 -33.16
N PRO B 59 32.42 1.28 -34.25
CA PRO B 59 33.27 0.09 -34.32
C PRO B 59 34.54 0.17 -33.44
N ASN B 60 34.96 -0.98 -32.91
CA ASN B 60 36.13 -1.07 -32.03
C ASN B 60 35.94 -0.11 -30.85
N ASP B 61 34.87 -0.34 -30.10
CA ASP B 61 34.54 0.48 -28.94
C ASP B 61 35.13 -0.14 -27.67
N SER B 62 36.44 -0.03 -27.53
CA SER B 62 37.16 -0.58 -26.40
C SER B 62 36.79 0.14 -25.11
N PRO B 63 36.61 -0.62 -24.02
CA PRO B 63 36.25 -0.06 -22.70
C PRO B 63 37.24 1.03 -22.32
N PHE B 64 36.78 2.12 -21.71
CA PHE B 64 37.68 3.18 -21.31
C PHE B 64 38.54 2.49 -20.26
N GLN B 65 37.98 2.28 -19.09
CA GLN B 65 38.68 1.59 -18.02
C GLN B 65 37.67 0.51 -17.71
N ILE B 66 36.92 0.67 -16.61
CA ILE B 66 35.88 -0.28 -16.24
C ILE B 66 34.63 0.10 -17.07
N VAL B 67 34.53 1.38 -17.43
CA VAL B 67 33.42 1.94 -18.24
C VAL B 67 33.26 1.25 -19.59
N LYS B 68 32.07 0.77 -19.89
CA LYS B 68 31.82 0.07 -21.14
C LYS B 68 31.08 0.90 -22.16
N ASN B 69 31.31 0.59 -23.44
CA ASN B 69 30.72 1.27 -24.60
C ASN B 69 30.69 2.80 -24.56
N PRO B 70 31.77 3.43 -24.04
CA PRO B 70 31.82 4.89 -23.93
C PRO B 70 31.53 5.72 -25.21
N ARG B 71 31.98 5.23 -26.36
CA ARG B 71 31.80 5.91 -27.63
C ARG B 71 30.40 5.79 -28.19
N SER B 72 29.84 4.57 -28.14
CA SER B 72 28.48 4.33 -28.66
C SER B 72 27.45 5.13 -27.89
N VAL B 73 27.63 5.18 -26.57
CA VAL B 73 26.75 5.91 -25.67
C VAL B 73 26.95 7.42 -25.84
N GLY B 74 28.20 7.86 -25.84
CA GLY B 74 28.50 9.28 -26.02
C GLY B 74 27.95 9.84 -27.33
N LYS B 75 28.13 9.09 -28.41
CA LYS B 75 27.66 9.50 -29.72
C LYS B 75 26.15 9.57 -29.73
N ALA B 76 25.49 8.48 -29.30
CA ALA B 76 24.03 8.36 -29.26
C ALA B 76 23.40 9.51 -28.50
N ASN B 77 24.00 9.89 -27.39
CA ASN B 77 23.49 11.01 -26.64
C ASN B 77 23.67 12.32 -27.37
N GLU B 78 24.83 12.54 -28.00
CA GLU B 78 25.07 13.79 -28.75
C GLU B 78 24.01 13.95 -29.84
N GLN B 79 23.68 12.85 -30.48
CA GLN B 79 22.68 12.85 -31.51
C GLN B 79 21.34 13.19 -30.89
N LEU B 80 21.02 12.59 -29.74
CA LEU B 80 19.75 12.84 -29.08
C LEU B 80 19.64 14.25 -28.53
N ALA B 81 20.78 14.79 -28.08
CA ALA B 81 20.82 16.15 -27.54
C ALA B 81 20.46 17.15 -28.63
N ALA B 82 20.98 16.93 -29.83
CA ALA B 82 20.71 17.81 -30.96
C ALA B 82 19.24 17.86 -31.31
N VAL B 83 18.61 16.69 -31.43
CA VAL B 83 17.18 16.58 -31.75
C VAL B 83 16.31 17.30 -30.72
N VAL B 84 16.54 16.98 -29.45
CA VAL B 84 15.80 17.56 -28.32
C VAL B 84 15.90 19.08 -28.38
N ALA B 85 17.11 19.57 -28.67
CA ALA B 85 17.31 21.01 -28.71
C ALA B 85 16.51 21.60 -29.85
N GLU B 86 16.40 20.86 -30.95
CA GLU B 86 15.66 21.37 -32.10
C GLU B 86 14.20 21.56 -31.77
N THR B 87 13.58 20.58 -31.12
CA THR B 87 12.17 20.70 -30.80
C THR B 87 11.91 21.72 -29.70
N GLN B 88 12.79 21.78 -28.72
CA GLN B 88 12.65 22.74 -27.63
C GLN B 88 12.68 24.14 -28.19
N LYS B 89 13.55 24.34 -29.18
CA LYS B 89 13.74 25.60 -29.88
C LYS B 89 12.41 26.04 -30.51
N ASN B 90 11.71 25.09 -31.11
CA ASN B 90 10.43 25.36 -31.74
C ASN B 90 9.29 25.54 -30.73
N GLY B 91 9.61 25.60 -29.45
CA GLY B 91 8.57 25.77 -28.44
C GLY B 91 7.71 24.53 -28.12
N THR B 92 8.20 23.33 -28.42
CA THR B 92 7.45 22.13 -28.09
C THR B 92 7.96 21.43 -26.79
N ILE B 93 7.16 20.48 -26.30
CA ILE B 93 7.49 19.71 -25.12
C ILE B 93 7.95 18.39 -25.66
N SER B 94 9.17 18.00 -25.31
CA SER B 94 9.74 16.75 -25.75
C SER B 94 9.44 15.58 -24.80
N VAL B 95 9.11 14.43 -25.37
CA VAL B 95 8.82 13.24 -24.59
C VAL B 95 9.75 12.23 -25.19
N VAL B 96 10.75 11.78 -24.42
CA VAL B 96 11.72 10.77 -24.88
C VAL B 96 11.29 9.41 -24.32
N LEU B 97 11.22 8.41 -25.19
CA LEU B 97 10.84 7.07 -24.78
C LEU B 97 12.08 6.22 -24.79
N GLY B 98 12.58 5.85 -23.63
CA GLY B 98 13.77 5.02 -23.59
C GLY B 98 13.47 3.56 -23.92
N GLY B 99 14.52 2.73 -23.97
CA GLY B 99 15.86 3.21 -23.72
C GLY B 99 16.22 3.22 -22.25
N ASP B 100 17.50 3.02 -21.96
CA ASP B 100 17.98 3.00 -20.61
C ASP B 100 18.33 4.42 -20.13
N ASN B 101 18.65 4.55 -18.85
CA ASN B 101 18.97 5.84 -18.30
C ASN B 101 20.15 6.64 -18.83
N SER B 102 21.09 5.99 -19.52
CA SER B 102 22.25 6.73 -20.06
C SER B 102 21.77 7.78 -21.07
N MET B 103 20.62 7.51 -21.71
CA MET B 103 20.00 8.43 -22.67
C MET B 103 19.43 9.70 -22.00
N ALA B 104 19.54 9.79 -20.68
CA ALA B 104 19.03 10.98 -19.99
C ALA B 104 20.08 12.05 -20.16
N ILE B 105 21.32 11.65 -20.50
CA ILE B 105 22.41 12.61 -20.67
C ILE B 105 22.10 13.52 -21.85
N GLY B 106 21.71 12.91 -22.97
CA GLY B 106 21.38 13.67 -24.17
C GLY B 106 20.13 14.50 -24.02
N SER B 107 19.10 13.86 -23.45
CA SER B 107 17.80 14.49 -23.21
C SER B 107 17.91 15.77 -22.41
N ILE B 108 18.52 15.69 -21.23
CA ILE B 108 18.65 16.84 -20.36
C ILE B 108 19.55 17.91 -20.95
N SER B 109 20.66 17.49 -21.57
CA SER B 109 21.63 18.40 -22.18
C SER B 109 20.92 19.22 -23.20
N GLY B 110 20.29 18.53 -24.16
CA GLY B 110 19.53 19.17 -25.23
C GLY B 110 18.62 20.23 -24.63
N HIS B 111 17.70 19.78 -23.79
CA HIS B 111 16.75 20.64 -23.11
C HIS B 111 17.44 21.84 -22.43
N ALA B 112 18.60 21.61 -21.83
CA ALA B 112 19.30 22.69 -21.16
C ALA B 112 19.89 23.75 -22.10
N ARG B 113 20.23 23.36 -23.33
CA ARG B 113 20.78 24.30 -24.30
C ARG B 113 19.75 25.41 -24.58
N VAL B 114 18.49 25.01 -24.71
CA VAL B 114 17.40 25.95 -24.95
C VAL B 114 16.87 26.54 -23.64
N HIS B 115 16.89 25.77 -22.56
CA HIS B 115 16.39 26.26 -21.26
C HIS B 115 17.43 26.04 -20.19
N PRO B 116 18.39 26.95 -20.11
CA PRO B 116 19.50 26.92 -19.14
C PRO B 116 19.12 27.01 -17.67
N ASP B 117 17.88 27.40 -17.36
CA ASP B 117 17.45 27.52 -15.97
C ASP B 117 16.55 26.39 -15.46
N LEU B 118 16.43 25.30 -16.21
CA LEU B 118 15.57 24.19 -15.81
C LEU B 118 16.01 23.47 -14.54
N CYS B 119 15.08 22.74 -13.93
CA CYS B 119 15.34 21.93 -12.73
C CYS B 119 14.91 20.51 -13.11
N VAL B 120 15.53 19.53 -12.46
CA VAL B 120 15.24 18.13 -12.74
C VAL B 120 14.63 17.44 -11.54
N ILE B 121 13.57 16.67 -11.79
CA ILE B 121 12.88 15.86 -10.80
C ILE B 121 13.13 14.42 -11.28
N TRP B 122 13.99 13.74 -10.55
CA TRP B 122 14.40 12.39 -10.88
C TRP B 122 13.62 11.39 -10.03
N VAL B 123 12.70 10.66 -10.65
CA VAL B 123 11.87 9.65 -9.98
C VAL B 123 12.56 8.32 -10.31
N ASP B 124 13.01 7.61 -9.28
CA ASP B 124 13.79 6.41 -9.49
C ASP B 124 14.09 5.72 -8.16
N ALA B 125 14.46 4.46 -8.23
CA ALA B 125 14.87 3.69 -7.07
C ALA B 125 16.32 4.05 -6.79
N HIS B 126 16.99 4.59 -7.82
CA HIS B 126 18.44 4.90 -7.79
C HIS B 126 18.78 6.33 -8.05
N THR B 127 19.96 6.77 -7.60
CA THR B 127 20.42 8.13 -7.87
C THR B 127 21.13 8.22 -9.23
N ASP B 128 21.68 7.09 -9.68
CA ASP B 128 22.40 6.99 -10.95
C ASP B 128 23.46 8.11 -11.07
N ILE B 129 24.25 8.28 -10.01
CA ILE B 129 25.26 9.34 -9.92
C ILE B 129 26.70 8.83 -9.75
N ASN B 130 26.97 7.60 -10.14
CA ASN B 130 28.30 7.05 -10.03
C ASN B 130 29.20 7.68 -11.10
N THR B 131 30.42 8.06 -10.73
CA THR B 131 31.36 8.61 -11.70
C THR B 131 32.08 7.40 -12.26
N PRO B 132 32.80 7.55 -13.38
CA PRO B 132 33.52 6.43 -13.97
C PRO B 132 34.47 5.77 -12.97
N LEU B 133 34.87 6.51 -11.93
CA LEU B 133 35.77 5.95 -10.91
C LEU B 133 35.01 5.11 -9.90
N THR B 134 33.97 5.69 -9.28
CA THR B 134 33.17 5.01 -8.27
C THR B 134 32.39 3.79 -8.74
N THR B 135 31.95 3.79 -9.99
CA THR B 135 31.19 2.65 -10.54
C THR B 135 31.82 1.31 -10.19
N SER B 136 31.01 0.33 -9.85
CA SER B 136 31.52 -0.99 -9.54
C SER B 136 31.34 -1.87 -10.76
N SER B 137 30.79 -1.26 -11.81
CA SER B 137 30.56 -1.93 -13.09
C SER B 137 30.85 -0.87 -14.15
N GLY B 138 30.91 -1.28 -15.40
CA GLY B 138 31.18 -0.31 -16.43
C GLY B 138 29.96 0.51 -16.82
N ASN B 139 28.80 -0.12 -16.73
CA ASN B 139 27.49 0.44 -17.07
C ASN B 139 27.21 1.92 -16.87
N LEU B 140 26.96 2.59 -18.00
CA LEU B 140 26.71 4.03 -18.00
C LEU B 140 25.31 4.42 -17.55
N HIS B 141 24.37 3.49 -17.62
CA HIS B 141 23.01 3.80 -17.19
C HIS B 141 23.00 4.19 -15.72
N GLY B 142 24.02 3.78 -14.98
CA GLY B 142 24.07 4.15 -13.59
C GLY B 142 24.91 5.38 -13.36
N GLN B 143 25.27 6.10 -14.44
CA GLN B 143 26.12 7.30 -14.33
C GLN B 143 25.65 8.65 -14.87
N PRO B 144 24.47 8.73 -15.53
CA PRO B 144 23.94 9.97 -16.09
C PRO B 144 24.18 11.25 -15.34
N VAL B 145 23.74 11.30 -14.11
CA VAL B 145 23.87 12.53 -13.33
C VAL B 145 25.31 12.98 -13.06
N ALA B 146 26.26 12.06 -13.05
CA ALA B 146 27.66 12.42 -12.81
C ALA B 146 28.16 13.29 -13.97
N PHE B 147 27.75 12.95 -15.19
CA PHE B 147 28.12 13.71 -16.38
C PHE B 147 27.38 15.02 -16.57
N LEU B 148 26.34 15.28 -15.77
CA LEU B 148 25.55 16.52 -15.91
C LEU B 148 25.72 17.56 -14.82
N LEU B 149 26.28 17.16 -13.69
CA LEU B 149 26.47 18.08 -12.58
C LEU B 149 27.70 18.96 -12.68
N LYS B 150 27.50 20.26 -12.57
CA LYS B 150 28.63 21.19 -12.60
C LYS B 150 29.62 20.80 -11.49
N GLU B 151 29.13 20.66 -10.25
CA GLU B 151 29.96 20.32 -9.08
C GLU B 151 30.79 19.04 -9.17
N LEU B 152 30.61 18.26 -10.22
CA LEU B 152 31.40 17.05 -10.36
C LEU B 152 32.32 17.11 -11.58
N LYS B 153 32.44 18.29 -12.17
CA LYS B 153 33.28 18.54 -13.35
C LYS B 153 34.74 18.38 -12.97
N GLY B 154 35.41 17.47 -13.67
CA GLY B 154 36.81 17.24 -13.42
C GLY B 154 37.12 16.37 -12.22
N LYS B 155 36.09 15.83 -11.57
CA LYS B 155 36.32 14.96 -10.42
C LYS B 155 36.54 13.54 -10.94
N PHE B 156 36.64 13.43 -12.26
CA PHE B 156 36.86 12.15 -12.93
C PHE B 156 37.40 12.40 -14.36
N PRO B 157 38.16 11.44 -14.90
CA PRO B 157 38.75 11.53 -16.24
C PRO B 157 37.79 11.76 -17.40
N ASP B 158 38.30 12.42 -18.44
CA ASP B 158 37.49 12.69 -19.62
C ASP B 158 37.24 11.38 -20.35
N VAL B 159 35.97 11.04 -20.56
CA VAL B 159 35.63 9.79 -21.23
C VAL B 159 35.36 9.98 -22.73
N PRO B 160 35.90 9.07 -23.54
CA PRO B 160 35.74 9.10 -24.99
C PRO B 160 34.29 9.11 -25.43
N GLY B 161 33.93 10.09 -26.25
CA GLY B 161 32.57 10.18 -26.76
C GLY B 161 31.70 11.19 -26.04
N PHE B 162 32.23 11.75 -24.94
CA PHE B 162 31.52 12.71 -24.11
C PHE B 162 32.14 14.09 -24.07
N SER B 163 32.98 14.42 -25.03
CA SER B 163 33.66 15.71 -25.09
C SER B 163 32.67 16.87 -25.26
N TRP B 164 31.59 16.58 -25.97
CA TRP B 164 30.55 17.55 -26.24
C TRP B 164 29.72 17.92 -25.01
N VAL B 165 29.74 17.05 -24.01
CA VAL B 165 28.96 17.27 -22.79
C VAL B 165 29.42 18.50 -21.99
N THR B 166 28.46 19.33 -21.62
CA THR B 166 28.70 20.53 -20.82
C THR B 166 27.79 20.44 -19.60
N PRO B 167 28.35 20.24 -18.40
CA PRO B 167 27.57 20.16 -17.16
C PRO B 167 26.52 21.28 -17.12
N CYS B 168 25.25 20.92 -17.17
CA CYS B 168 24.21 21.94 -17.21
C CYS B 168 23.44 22.25 -15.97
N ILE B 169 23.37 21.32 -15.04
CA ILE B 169 22.63 21.55 -13.80
C ILE B 169 23.54 21.50 -12.56
N SER B 170 23.28 22.38 -11.60
CA SER B 170 24.06 22.36 -10.37
C SER B 170 23.31 21.51 -9.35
N ALA B 171 23.97 21.22 -8.23
CA ALA B 171 23.40 20.40 -7.18
C ALA B 171 22.09 20.92 -6.59
N LYS B 172 21.81 22.20 -6.77
CA LYS B 172 20.57 22.82 -6.25
C LYS B 172 19.39 22.77 -7.22
N ASP B 173 19.58 22.14 -8.38
CA ASP B 173 18.53 22.09 -9.40
C ASP B 173 17.93 20.71 -9.64
N ILE B 174 18.43 19.73 -8.89
CA ILE B 174 17.95 18.35 -8.99
C ILE B 174 17.35 17.83 -7.64
N VAL B 175 16.21 17.15 -7.72
CA VAL B 175 15.57 16.55 -6.56
C VAL B 175 15.29 15.11 -6.91
N TYR B 176 15.64 14.21 -6.01
CA TYR B 176 15.38 12.79 -6.22
C TYR B 176 14.15 12.33 -5.43
N ILE B 177 13.38 11.41 -6.00
CA ILE B 177 12.20 10.87 -5.34
C ILE B 177 12.12 9.39 -5.59
N GLY B 178 11.94 8.63 -4.50
CA GLY B 178 11.80 7.19 -4.54
C GLY B 178 13.02 6.34 -4.29
N LEU B 179 14.06 6.94 -3.74
CA LEU B 179 15.35 6.26 -3.49
C LEU B 179 15.28 5.12 -2.48
N ARG B 180 15.90 4.00 -2.83
CA ARG B 180 15.92 2.80 -2.00
C ARG B 180 17.03 1.82 -2.39
N ASP B 181 17.93 2.23 -3.27
CA ASP B 181 19.02 1.37 -3.72
C ASP B 181 20.22 2.22 -4.18
N VAL B 182 20.83 2.91 -3.22
CA VAL B 182 21.97 3.79 -3.44
C VAL B 182 23.33 3.15 -3.02
N ASP B 183 24.36 3.30 -3.85
CA ASP B 183 25.68 2.77 -3.52
C ASP B 183 26.44 3.68 -2.55
N PRO B 184 27.48 3.14 -1.89
CA PRO B 184 28.25 3.94 -0.94
C PRO B 184 28.81 5.23 -1.56
N GLY B 185 29.32 5.14 -2.80
CA GLY B 185 29.87 6.30 -3.49
C GLY B 185 28.83 7.35 -3.79
N GLU B 186 27.72 6.89 -4.38
CA GLU B 186 26.60 7.77 -4.69
C GLU B 186 26.11 8.42 -3.40
N HIS B 187 25.96 7.61 -2.36
CA HIS B 187 25.53 8.16 -1.08
C HIS B 187 26.52 9.19 -0.56
N TYR B 188 27.82 8.94 -0.80
CA TYR B 188 28.86 9.86 -0.38
C TYR B 188 28.69 11.17 -1.13
N ILE B 189 28.53 11.08 -2.45
CA ILE B 189 28.34 12.25 -3.31
C ILE B 189 27.11 13.13 -2.97
N ILE B 190 25.93 12.49 -2.83
CA ILE B 190 24.70 13.23 -2.52
C ILE B 190 24.74 13.85 -1.12
N LYS B 191 25.44 13.18 -0.22
CA LYS B 191 25.59 13.69 1.13
C LYS B 191 26.57 14.88 1.15
N THR B 192 27.67 14.72 0.41
CA THR B 192 28.71 15.74 0.31
C THR B 192 28.23 17.02 -0.39
N LEU B 193 27.76 16.88 -1.62
CA LEU B 193 27.29 18.01 -2.42
C LEU B 193 25.98 18.67 -1.94
N GLY B 194 25.33 18.10 -0.93
CA GLY B 194 24.10 18.67 -0.40
C GLY B 194 22.89 18.55 -1.29
N ILE B 195 22.77 17.43 -2.02
CA ILE B 195 21.63 17.22 -2.91
C ILE B 195 20.33 16.86 -2.16
N LYS B 196 19.21 17.44 -2.59
CA LYS B 196 17.89 17.21 -1.99
C LYS B 196 17.19 15.95 -2.52
N TYR B 197 16.70 15.13 -1.61
CA TYR B 197 16.08 13.88 -2.00
C TYR B 197 15.01 13.43 -1.03
N PHE B 198 14.19 12.51 -1.48
CA PHE B 198 13.15 11.92 -0.68
C PHE B 198 13.23 10.46 -1.00
N SER B 199 13.91 9.70 -0.14
CA SER B 199 14.01 8.26 -0.35
C SER B 199 12.71 7.68 0.16
N MET B 200 12.56 6.37 -0.01
CA MET B 200 11.39 5.66 0.46
C MET B 200 11.08 5.97 1.91
N THR B 201 12.12 6.14 2.73
CA THR B 201 11.89 6.44 4.12
C THR B 201 11.25 7.81 4.34
N GLU B 202 11.55 8.79 3.50
CA GLU B 202 10.90 10.09 3.68
C GLU B 202 9.47 10.00 3.12
N VAL B 203 9.28 9.23 2.05
CA VAL B 203 7.93 9.11 1.48
C VAL B 203 7.05 8.48 2.58
N ASP B 204 7.60 7.50 3.28
CA ASP B 204 6.93 6.81 4.38
C ASP B 204 6.61 7.75 5.54
N LYS B 205 7.54 8.64 5.83
CA LYS B 205 7.34 9.58 6.91
C LYS B 205 6.36 10.72 6.63
N LEU B 206 6.53 11.41 5.50
CA LEU B 206 5.72 12.57 5.14
C LEU B 206 4.47 12.34 4.34
N GLY B 207 4.48 11.29 3.51
CA GLY B 207 3.36 11.02 2.61
C GLY B 207 3.63 11.73 1.28
N ILE B 208 3.17 11.16 0.18
CA ILE B 208 3.43 11.76 -1.12
C ILE B 208 2.90 13.18 -1.28
N GLY B 209 1.80 13.52 -0.60
CA GLY B 209 1.28 14.87 -0.73
C GLY B 209 2.28 15.89 -0.20
N LYS B 210 2.79 15.66 1.01
CA LYS B 210 3.75 16.57 1.62
C LYS B 210 5.13 16.55 0.89
N VAL B 211 5.46 15.41 0.28
CA VAL B 211 6.70 15.26 -0.47
C VAL B 211 6.67 16.16 -1.70
N MET B 212 5.60 16.11 -2.51
CA MET B 212 5.49 16.96 -3.71
C MET B 212 5.45 18.44 -3.35
N GLU B 213 4.74 18.76 -2.28
CA GLU B 213 4.60 20.12 -1.79
C GLU B 213 6.00 20.63 -1.45
N GLU B 214 6.81 19.74 -0.89
CA GLU B 214 8.17 20.05 -0.50
C GLU B 214 9.08 20.31 -1.70
N THR B 215 9.06 19.41 -2.68
CA THR B 215 9.93 19.56 -3.85
C THR B 215 9.60 20.80 -4.68
N PHE B 216 8.32 21.18 -4.73
CA PHE B 216 7.91 22.36 -5.47
C PHE B 216 8.36 23.67 -4.82
N SER B 217 8.41 23.74 -3.50
CA SER B 217 8.87 24.97 -2.88
C SER B 217 10.41 25.01 -2.88
N TYR B 218 11.07 23.86 -2.85
CA TYR B 218 12.53 23.83 -2.91
C TYR B 218 12.94 24.35 -4.29
N LEU B 219 12.47 23.65 -5.31
CA LEU B 219 12.74 23.99 -6.71
C LEU B 219 12.13 25.27 -7.30
N LEU B 220 10.86 25.55 -6.98
CA LEU B 220 10.18 26.73 -7.53
C LEU B 220 9.93 27.87 -6.53
N GLY B 221 10.41 27.70 -5.30
CA GLY B 221 10.20 28.72 -4.28
C GLY B 221 10.75 30.10 -4.55
N ARG B 222 11.96 30.16 -5.08
CA ARG B 222 12.62 31.43 -5.42
C ARG B 222 12.16 32.05 -6.73
N LYS B 223 11.92 31.20 -7.75
CA LYS B 223 11.45 31.67 -9.06
C LYS B 223 11.02 30.48 -9.95
N LYS B 224 9.97 30.69 -10.74
CA LYS B 224 9.48 29.65 -11.63
C LYS B 224 10.46 29.38 -12.78
N ARG B 225 10.57 28.12 -13.17
CA ARG B 225 11.47 27.71 -14.25
C ARG B 225 10.95 26.42 -14.82
N PRO B 226 11.27 26.13 -16.09
CA PRO B 226 10.80 24.89 -16.71
C PRO B 226 11.31 23.64 -15.97
N ILE B 227 10.48 22.60 -15.96
CA ILE B 227 10.81 21.36 -15.28
C ILE B 227 11.08 20.21 -16.26
N HIS B 228 12.10 19.41 -15.97
CA HIS B 228 12.38 18.24 -16.78
C HIS B 228 12.10 17.07 -15.84
N LEU B 229 11.08 16.26 -16.15
CA LEU B 229 10.78 15.09 -15.32
C LEU B 229 11.47 13.89 -15.96
N SER B 230 12.46 13.34 -15.29
CA SER B 230 13.12 12.16 -15.81
C SER B 230 12.52 11.00 -14.99
N PHE B 231 11.59 10.25 -15.58
CA PHE B 231 10.91 9.14 -14.90
C PHE B 231 11.40 7.74 -15.22
N ASP B 232 11.96 7.07 -14.23
CA ASP B 232 12.41 5.70 -14.41
C ASP B 232 11.35 4.77 -13.81
N VAL B 233 10.75 4.00 -14.69
CA VAL B 233 9.74 3.00 -14.37
C VAL B 233 10.05 2.13 -13.08
N ASP B 234 11.33 2.01 -12.69
CA ASP B 234 11.68 1.21 -11.51
C ASP B 234 11.51 1.97 -10.19
N GLY B 235 11.09 3.23 -10.29
CA GLY B 235 10.81 4.01 -9.09
C GLY B 235 9.49 3.50 -8.48
N LEU B 236 8.68 2.76 -9.24
CA LEU B 236 7.43 2.17 -8.70
C LEU B 236 7.77 0.73 -8.25
N ASP B 237 6.98 0.15 -7.34
CA ASP B 237 7.27 -1.20 -6.87
C ASP B 237 7.21 -2.24 -8.01
N PRO B 238 8.07 -3.29 -7.95
CA PRO B 238 8.14 -4.35 -8.93
C PRO B 238 6.82 -5.04 -9.22
N VAL B 239 5.84 -4.80 -8.37
CA VAL B 239 4.52 -5.41 -8.52
C VAL B 239 3.69 -4.70 -9.59
N PHE B 240 4.03 -3.43 -9.84
CA PHE B 240 3.37 -2.61 -10.83
C PHE B 240 4.17 -2.54 -12.15
N THR B 241 5.47 -2.29 -12.05
CA THR B 241 6.35 -2.21 -13.22
C THR B 241 7.46 -3.25 -13.10
N PRO B 242 7.10 -4.54 -13.23
CA PRO B 242 8.10 -5.62 -13.12
C PRO B 242 9.10 -5.75 -14.29
N ALA B 243 8.72 -5.36 -15.50
CA ALA B 243 9.59 -5.47 -16.68
C ALA B 243 10.70 -4.43 -16.84
N THR B 244 11.60 -4.36 -15.86
CA THR B 244 12.76 -3.46 -15.87
C THR B 244 13.99 -4.31 -15.48
N GLY B 245 15.17 -3.72 -15.67
CA GLY B 245 16.41 -4.42 -15.38
C GLY B 245 16.85 -4.46 -13.95
N THR B 246 16.56 -3.42 -13.18
CA THR B 246 16.99 -3.42 -11.78
C THR B 246 15.81 -3.16 -10.85
N PRO B 247 14.92 -4.16 -10.68
CA PRO B 247 13.77 -3.97 -9.80
C PRO B 247 14.20 -4.06 -8.35
N VAL B 248 13.58 -3.26 -7.49
CA VAL B 248 13.92 -3.24 -6.06
C VAL B 248 12.61 -3.13 -5.31
N VAL B 249 12.26 -4.14 -4.51
CA VAL B 249 11.02 -4.14 -3.75
C VAL B 249 10.93 -2.97 -2.77
N GLY B 250 9.71 -2.60 -2.42
CA GLY B 250 9.52 -1.50 -1.49
C GLY B 250 9.44 -0.17 -2.17
N GLY B 251 8.84 -0.13 -3.35
CA GLY B 251 8.78 1.12 -4.06
C GLY B 251 7.53 1.93 -3.87
N LEU B 252 7.41 2.92 -4.76
CA LEU B 252 6.29 3.82 -4.83
C LEU B 252 5.15 2.97 -5.39
N SER B 253 3.94 3.34 -5.04
CA SER B 253 2.78 2.61 -5.51
C SER B 253 2.23 3.31 -6.75
N TYR B 254 1.38 2.60 -7.48
CA TYR B 254 0.75 3.13 -8.68
C TYR B 254 0.07 4.46 -8.33
N ARG B 255 -0.60 4.52 -7.19
CA ARG B 255 -1.24 5.74 -6.74
C ARG B 255 -0.23 6.83 -6.51
N GLU B 256 0.83 6.50 -5.78
CA GLU B 256 1.88 7.47 -5.50
C GLU B 256 2.48 7.99 -6.80
N GLY B 257 2.65 7.09 -7.77
CA GLY B 257 3.18 7.42 -9.07
C GLY B 257 2.31 8.47 -9.75
N LEU B 258 1.03 8.15 -9.95
CA LEU B 258 0.04 9.05 -10.55
C LEU B 258 -0.14 10.35 -9.79
N TYR B 259 0.10 10.33 -8.49
CA TYR B 259 -0.01 11.59 -7.75
C TYR B 259 1.15 12.53 -8.17
N ILE B 260 2.32 11.96 -8.38
CA ILE B 260 3.51 12.73 -8.75
C ILE B 260 3.22 13.44 -10.04
N THR B 261 2.85 12.65 -11.05
CA THR B 261 2.57 13.16 -12.39
C THR B 261 1.41 14.14 -12.43
N GLU B 262 0.34 13.88 -11.68
CA GLU B 262 -0.80 14.80 -11.65
C GLU B 262 -0.43 16.12 -11.02
N GLU B 263 0.45 16.11 -10.03
CA GLU B 263 0.89 17.35 -9.39
C GLU B 263 1.78 18.19 -10.34
N ILE B 264 2.61 17.50 -11.11
CA ILE B 264 3.49 18.13 -12.08
C ILE B 264 2.66 18.81 -13.17
N TYR B 265 1.65 18.14 -13.71
CA TYR B 265 0.78 18.77 -14.69
C TYR B 265 0.20 20.09 -14.14
N LYS B 266 -0.32 20.07 -12.92
CA LYS B 266 -0.87 21.28 -12.33
C LYS B 266 0.05 22.51 -12.25
N THR B 267 1.36 22.31 -12.28
CA THR B 267 2.29 23.45 -12.23
C THR B 267 2.30 24.19 -13.58
N GLY B 268 2.00 23.44 -14.65
CA GLY B 268 1.99 24.00 -15.99
C GLY B 268 3.41 24.31 -16.49
N LEU B 269 4.41 23.78 -15.78
CA LEU B 269 5.81 24.01 -16.11
C LEU B 269 6.54 22.81 -16.74
N LEU B 270 5.84 21.71 -16.96
CA LEU B 270 6.47 20.53 -17.54
C LEU B 270 6.98 20.91 -18.90
N SER B 271 8.30 20.81 -19.08
CA SER B 271 8.95 21.17 -20.33
C SER B 271 9.59 19.96 -21.03
N GLY B 272 10.06 18.99 -20.26
CA GLY B 272 10.66 17.79 -20.83
C GLY B 272 10.32 16.61 -19.95
N LEU B 273 10.21 15.44 -20.55
CA LEU B 273 9.83 14.25 -19.81
C LEU B 273 10.48 13.06 -20.47
N ASP B 274 10.92 12.10 -19.65
CA ASP B 274 11.55 10.88 -20.12
C ASP B 274 10.80 9.72 -19.47
N ILE B 275 10.61 8.63 -20.22
CA ILE B 275 9.95 7.43 -19.69
C ILE B 275 11.00 6.38 -19.99
N MET B 276 11.83 6.06 -19.01
CA MET B 276 12.92 5.13 -19.26
C MET B 276 12.82 3.79 -18.63
N GLU B 277 13.68 2.91 -19.11
CA GLU B 277 13.83 1.59 -18.59
C GLU B 277 12.78 0.51 -18.81
N VAL B 278 11.78 0.77 -19.65
CA VAL B 278 10.76 -0.27 -19.91
C VAL B 278 11.41 -1.36 -20.75
N ASN B 279 11.68 -2.50 -20.13
CA ASN B 279 12.33 -3.59 -20.84
C ASN B 279 11.34 -4.69 -21.15
N PRO B 280 10.76 -4.70 -22.36
CA PRO B 280 9.78 -5.71 -22.77
C PRO B 280 10.21 -7.19 -22.63
N THR B 281 11.50 -7.47 -22.75
CA THR B 281 11.96 -8.86 -22.66
C THR B 281 12.21 -9.40 -21.25
N LEU B 282 11.97 -8.60 -20.21
CA LEU B 282 12.21 -9.04 -18.83
C LEU B 282 11.00 -9.45 -18.03
N GLY B 283 9.84 -9.54 -18.66
CA GLY B 283 8.67 -9.96 -17.91
C GLY B 283 8.56 -11.49 -17.90
N LYS B 284 8.31 -12.11 -16.74
CA LYS B 284 8.19 -13.58 -16.66
C LYS B 284 7.11 -13.99 -17.66
N THR B 285 5.92 -13.42 -17.47
CA THR B 285 4.77 -13.71 -18.32
C THR B 285 4.35 -12.44 -19.04
N PRO B 286 3.67 -12.60 -20.18
CA PRO B 286 3.20 -11.44 -20.97
C PRO B 286 2.40 -10.43 -20.15
N GLU B 287 1.61 -10.89 -19.17
CA GLU B 287 0.82 -10.01 -18.32
C GLU B 287 1.72 -9.01 -17.60
N GLU B 288 2.94 -9.43 -17.28
CA GLU B 288 3.89 -8.54 -16.61
C GLU B 288 4.36 -7.42 -17.54
N VAL B 289 4.43 -7.71 -18.85
CA VAL B 289 4.84 -6.72 -19.84
C VAL B 289 3.74 -5.68 -20.03
N THR B 290 2.51 -6.18 -20.15
CA THR B 290 1.34 -5.34 -20.29
C THR B 290 1.15 -4.44 -19.07
N ARG B 291 1.44 -5.00 -17.90
CA ARG B 291 1.30 -4.26 -16.67
C ARG B 291 2.29 -3.09 -16.64
N THR B 292 3.57 -3.38 -16.93
CA THR B 292 4.61 -2.35 -16.95
C THR B 292 4.27 -1.27 -17.99
N VAL B 293 4.00 -1.69 -19.22
CA VAL B 293 3.67 -0.78 -20.31
C VAL B 293 2.46 0.10 -20.00
N ASN B 294 1.36 -0.48 -19.54
CA ASN B 294 0.17 0.31 -19.20
C ASN B 294 0.42 1.34 -18.11
N THR B 295 1.21 1.01 -17.10
CA THR B 295 1.44 2.01 -16.07
C THR B 295 2.37 3.14 -16.60
N ALA B 296 3.28 2.77 -17.53
CA ALA B 296 4.16 3.77 -18.12
C ALA B 296 3.27 4.73 -18.88
N VAL B 297 2.34 4.19 -19.68
CA VAL B 297 1.40 4.98 -20.49
C VAL B 297 0.53 5.86 -19.62
N ALA B 298 -0.04 5.25 -18.59
CA ALA B 298 -0.89 5.97 -17.65
C ALA B 298 -0.15 7.17 -17.04
N LEU B 299 1.14 6.96 -16.72
CA LEU B 299 1.99 8.00 -16.15
C LEU B 299 2.14 9.18 -17.15
N THR B 300 2.36 8.83 -18.41
CA THR B 300 2.53 9.82 -19.45
C THR B 300 1.27 10.65 -19.60
N LEU B 301 0.11 10.02 -19.81
CA LEU B 301 -1.15 10.78 -19.98
C LEU B 301 -1.46 11.68 -18.81
N SER B 302 -1.15 11.20 -17.61
CA SER B 302 -1.35 11.97 -16.39
C SER B 302 -0.56 13.29 -16.48
N CYS B 303 0.70 13.22 -16.92
CA CYS B 303 1.54 14.42 -17.10
C CYS B 303 0.83 15.42 -17.99
N PHE B 304 0.07 14.92 -18.96
CA PHE B 304 -0.63 15.77 -19.91
C PHE B 304 -2.10 16.02 -19.69
N GLY B 305 -2.48 16.16 -18.42
CA GLY B 305 -3.86 16.47 -18.10
C GLY B 305 -4.86 15.43 -17.63
N THR B 306 -4.64 14.16 -17.93
CA THR B 306 -5.55 13.12 -17.49
C THR B 306 -5.61 13.04 -15.94
N LYS B 307 -6.81 13.23 -15.42
CA LYS B 307 -7.05 13.21 -13.99
C LYS B 307 -7.85 11.96 -13.61
N ARG B 308 -7.70 11.54 -12.36
CA ARG B 308 -8.42 10.38 -11.85
C ARG B 308 -9.90 10.74 -11.56
N GLU B 309 -10.15 11.98 -11.16
CA GLU B 309 -11.50 12.44 -10.87
C GLU B 309 -12.29 12.57 -12.18
N GLY B 310 -11.59 12.42 -13.31
CA GLY B 310 -12.23 12.52 -14.61
C GLY B 310 -11.84 13.81 -15.33
N ASN B 311 -12.14 13.86 -16.63
CA ASN B 311 -11.85 15.02 -17.50
C ASN B 311 -13.03 15.14 -18.45
N HIS B 312 -13.28 16.35 -18.95
CA HIS B 312 -14.34 16.58 -19.93
C HIS B 312 -13.95 17.77 -20.80
N LYS B 313 -14.32 17.70 -22.07
CA LYS B 313 -14.04 18.77 -23.02
C LYS B 313 -14.88 20.00 -22.71
N PRO B 314 -14.24 21.14 -22.43
CA PRO B 314 -14.99 22.38 -22.13
C PRO B 314 -15.66 22.86 -23.41
N GLU B 315 -16.58 23.81 -23.27
CA GLU B 315 -17.31 24.34 -24.42
C GLU B 315 -18.33 23.33 -24.94
N THR B 316 -18.26 22.08 -24.48
CA THR B 316 -19.25 21.06 -24.88
C THR B 316 -20.24 21.01 -23.71
N ASP B 317 -21.53 20.96 -24.03
CA ASP B 317 -22.54 20.93 -22.99
C ASP B 317 -23.19 19.57 -23.02
N TYR B 318 -23.04 18.83 -21.92
CA TYR B 318 -23.64 17.51 -21.76
C TYR B 318 -24.96 17.85 -21.05
N LEU B 319 -25.98 17.00 -21.25
CA LEU B 319 -27.35 17.18 -20.69
C LEU B 319 -28.23 17.87 -21.72
N LYS C 6 28.83 -0.82 20.65
CA LYS C 6 28.66 -2.13 21.35
C LYS C 6 28.69 -3.21 20.28
N PRO C 7 29.16 -4.41 20.63
CA PRO C 7 29.21 -5.51 19.65
C PRO C 7 27.81 -6.11 19.61
N ILE C 8 27.58 -7.03 18.68
CA ILE C 8 26.30 -7.70 18.51
C ILE C 8 26.60 -9.18 18.71
N GLU C 9 25.72 -9.88 19.43
CA GLU C 9 25.88 -11.32 19.62
C GLU C 9 24.62 -12.01 19.22
N ILE C 10 24.73 -12.88 18.22
CA ILE C 10 23.62 -13.68 17.70
C ILE C 10 23.46 -14.90 18.60
N ILE C 11 22.21 -15.19 18.97
CA ILE C 11 21.87 -16.33 19.82
C ILE C 11 20.66 -17.00 19.18
N GLY C 12 20.81 -18.23 18.70
CA GLY C 12 19.69 -18.94 18.13
C GLY C 12 18.85 -19.68 19.16
N ALA C 13 17.53 -19.52 19.08
CA ALA C 13 16.58 -20.17 19.99
C ALA C 13 15.69 -21.08 19.13
N PRO C 14 16.21 -22.23 18.69
CA PRO C 14 15.39 -23.14 17.86
C PRO C 14 14.40 -23.95 18.70
N PHE C 15 13.36 -23.27 19.20
CA PHE C 15 12.36 -23.93 20.04
C PHE C 15 10.94 -23.75 19.48
N SER C 16 10.16 -24.82 19.44
CA SER C 16 8.81 -24.72 18.93
C SER C 16 7.72 -25.36 19.78
N LYS C 17 8.00 -25.58 21.05
CA LYS C 17 6.99 -26.19 21.93
C LYS C 17 6.01 -25.13 22.42
N GLY C 18 6.19 -23.89 21.97
CA GLY C 18 5.30 -22.80 22.36
C GLY C 18 3.99 -22.79 21.59
N GLN C 19 3.92 -23.60 20.55
CA GLN C 19 2.72 -23.70 19.74
C GLN C 19 2.58 -25.09 19.14
N PRO C 20 1.37 -25.44 18.65
CA PRO C 20 0.97 -26.73 18.04
C PRO C 20 1.70 -27.32 16.85
N ARG C 21 2.27 -26.49 15.98
CA ARG C 21 2.94 -27.06 14.83
C ARG C 21 4.46 -26.93 14.91
N GLY C 22 5.14 -27.92 14.34
CA GLY C 22 6.60 -27.88 14.33
C GLY C 22 7.04 -27.02 13.16
N GLY C 23 8.26 -26.51 13.21
CA GLY C 23 8.74 -25.71 12.11
C GLY C 23 9.58 -24.52 12.50
N VAL C 24 9.10 -23.73 13.46
CA VAL C 24 9.84 -22.55 13.92
C VAL C 24 11.27 -22.85 14.39
N GLU C 25 11.58 -24.12 14.66
CA GLU C 25 12.92 -24.50 15.11
C GLU C 25 13.92 -24.37 13.96
N LYS C 26 13.40 -24.39 12.73
CA LYS C 26 14.26 -24.24 11.56
C LYS C 26 14.48 -22.76 11.22
N GLY C 27 13.87 -21.87 11.99
CA GLY C 27 13.99 -20.43 11.76
C GLY C 27 15.43 -19.97 11.77
N PRO C 28 16.17 -20.24 12.86
CA PRO C 28 17.58 -19.85 13.00
C PRO C 28 18.43 -20.35 11.81
N ALA C 29 18.27 -21.63 11.45
CA ALA C 29 19.00 -22.22 10.33
C ALA C 29 18.72 -21.44 9.02
N ALA C 30 17.45 -21.23 8.74
CA ALA C 30 16.98 -20.51 7.57
C ALA C 30 17.59 -19.10 7.46
N LEU C 31 17.48 -18.33 8.55
CA LEU C 31 18.03 -16.96 8.58
C LEU C 31 19.55 -16.93 8.37
N ARG C 32 20.24 -17.92 8.94
CA ARG C 32 21.69 -17.98 8.80
C ARG C 32 22.04 -18.33 7.37
N LYS C 33 21.38 -19.34 6.85
CA LYS C 33 21.62 -19.79 5.49
C LYS C 33 21.47 -18.66 4.50
N ALA C 34 20.66 -17.67 4.85
CA ALA C 34 20.44 -16.51 3.97
C ALA C 34 21.53 -15.46 4.13
N GLY C 35 22.57 -15.78 4.88
CA GLY C 35 23.67 -14.86 5.07
C GLY C 35 23.46 -13.74 6.07
N LEU C 36 22.52 -13.90 7.00
CA LEU C 36 22.29 -12.85 8.01
C LEU C 36 23.55 -12.41 8.79
N VAL C 37 24.38 -13.37 9.22
CA VAL C 37 25.59 -13.02 9.98
C VAL C 37 26.63 -12.33 9.10
N GLU C 38 26.85 -12.86 7.91
CA GLU C 38 27.81 -12.28 6.96
C GLU C 38 27.40 -10.85 6.67
N LYS C 39 26.15 -10.66 6.31
CA LYS C 39 25.62 -9.33 5.99
C LYS C 39 25.77 -8.37 7.14
N LEU C 40 25.54 -8.87 8.35
CA LEU C 40 25.64 -8.06 9.55
C LEU C 40 27.06 -7.59 9.75
N LYS C 41 28.03 -8.47 9.45
CA LYS C 41 29.45 -8.16 9.57
C LYS C 41 29.90 -6.96 8.71
N GLU C 42 29.13 -6.65 7.68
CA GLU C 42 29.45 -5.53 6.80
C GLU C 42 28.94 -4.21 7.35
N THR C 43 28.48 -4.19 8.59
CA THR C 43 27.98 -2.94 9.15
C THR C 43 29.04 -2.39 10.09
N GLU C 44 28.79 -1.21 10.67
CA GLU C 44 29.74 -0.61 11.58
C GLU C 44 29.61 -1.27 12.98
N TYR C 45 29.53 -2.61 13.00
CA TYR C 45 29.37 -3.36 14.25
C TYR C 45 30.20 -4.64 14.24
N ASN C 46 30.71 -5.03 15.42
CA ASN C 46 31.47 -6.28 15.60
C ASN C 46 30.46 -7.37 15.90
N VAL C 47 30.38 -8.38 15.05
CA VAL C 47 29.41 -9.45 15.24
C VAL C 47 29.97 -10.79 15.67
N ARG C 48 29.47 -11.30 16.82
CA ARG C 48 29.87 -12.60 17.34
C ARG C 48 28.65 -13.52 17.28
N ASP C 49 28.78 -14.69 16.66
CA ASP C 49 27.64 -15.61 16.60
C ASP C 49 27.79 -16.72 17.64
N HIS C 50 27.05 -16.59 18.73
CA HIS C 50 27.06 -17.55 19.84
C HIS C 50 26.60 -18.96 19.48
N GLY C 51 25.88 -19.11 18.37
CA GLY C 51 25.40 -20.42 17.97
C GLY C 51 24.00 -20.70 18.51
N ASP C 52 23.46 -21.88 18.22
CA ASP C 52 22.11 -22.25 18.68
C ASP C 52 22.09 -22.98 20.00
N LEU C 53 21.20 -22.56 20.91
CA LEU C 53 21.08 -23.21 22.21
C LEU C 53 20.50 -24.60 22.02
N ALA C 54 20.98 -25.52 22.86
CA ALA C 54 20.53 -26.91 22.83
C ALA C 54 19.57 -27.05 24.00
N PHE C 55 18.32 -27.36 23.72
CA PHE C 55 17.34 -27.49 24.78
C PHE C 55 17.02 -28.94 25.15
N VAL C 56 17.22 -29.26 26.42
CA VAL C 56 16.95 -30.59 26.94
C VAL C 56 15.45 -30.76 27.11
N ASP C 57 14.90 -31.79 26.48
CA ASP C 57 13.47 -32.07 26.53
C ASP C 57 13.07 -32.71 27.86
N VAL C 58 12.20 -32.02 28.61
CA VAL C 58 11.71 -32.52 29.90
C VAL C 58 10.72 -33.69 29.70
N PRO C 59 11.08 -34.90 30.20
CA PRO C 59 10.22 -36.11 30.08
C PRO C 59 8.95 -36.06 30.96
N ASN C 60 7.87 -36.69 30.47
CA ASN C 60 6.57 -36.71 31.17
C ASN C 60 6.19 -35.27 31.52
N ASP C 61 5.95 -34.49 30.46
CA ASP C 61 5.59 -33.09 30.56
C ASP C 61 4.08 -32.96 30.43
N SER C 62 3.37 -33.43 31.45
CA SER C 62 1.91 -33.40 31.47
C SER C 62 1.38 -31.97 31.49
N PRO C 63 0.38 -31.67 30.63
CA PRO C 63 -0.20 -30.32 30.56
C PRO C 63 -0.62 -29.87 31.94
N PHE C 64 -0.43 -28.58 32.25
CA PHE C 64 -0.83 -28.06 33.56
C PHE C 64 -2.35 -28.27 33.64
N GLN C 65 -3.08 -27.50 32.84
CA GLN C 65 -4.52 -27.62 32.76
C GLN C 65 -4.69 -27.63 31.25
N ILE C 66 -5.09 -26.51 30.66
CA ILE C 66 -5.22 -26.42 29.19
C ILE C 66 -3.81 -26.14 28.62
N VAL C 67 -2.97 -25.48 29.44
CA VAL C 67 -1.59 -25.12 29.09
C VAL C 67 -0.78 -26.32 28.69
N LYS C 68 -0.13 -26.25 27.56
CA LYS C 68 0.67 -27.38 27.08
C LYS C 68 2.17 -27.15 27.24
N ASN C 69 2.93 -28.24 27.31
CA ASN C 69 4.40 -28.23 27.49
C ASN C 69 4.97 -27.19 28.46
N PRO C 70 4.30 -26.97 29.62
CA PRO C 70 4.78 -25.97 30.57
C PRO C 70 6.23 -26.12 31.08
N ARG C 71 6.68 -27.36 31.27
CA ARG C 71 8.03 -27.57 31.76
C ARG C 71 9.10 -27.37 30.72
N SER C 72 8.89 -27.91 29.52
CA SER C 72 9.85 -27.75 28.43
C SER C 72 10.04 -26.25 28.06
N VAL C 73 8.94 -25.51 28.09
CA VAL C 73 8.94 -24.11 27.77
C VAL C 73 9.59 -23.29 28.89
N GLY C 74 9.18 -23.55 30.13
CA GLY C 74 9.76 -22.82 31.24
C GLY C 74 11.27 -23.03 31.35
N LYS C 75 11.71 -24.28 31.15
CA LYS C 75 13.13 -24.67 31.22
C LYS C 75 13.93 -23.96 30.12
N ALA C 76 13.48 -24.16 28.88
CA ALA C 76 14.11 -23.55 27.69
C ALA C 76 14.27 -22.05 27.86
N ASN C 77 13.29 -21.42 28.51
CA ASN C 77 13.38 -20.00 28.73
C ASN C 77 14.36 -19.62 29.80
N GLU C 78 14.38 -20.40 30.89
CA GLU C 78 15.33 -20.12 31.97
C GLU C 78 16.74 -20.20 31.41
N GLN C 79 16.95 -21.20 30.56
CA GLN C 79 18.23 -21.41 29.93
C GLN C 79 18.60 -20.17 29.07
N LEU C 80 17.66 -19.75 28.21
CA LEU C 80 17.87 -18.60 27.34
C LEU C 80 18.08 -17.33 28.11
N ALA C 81 17.38 -17.20 29.24
CA ALA C 81 17.51 -15.99 30.04
C ALA C 81 18.91 -15.87 30.61
N ALA C 82 19.48 -16.99 31.05
CA ALA C 82 20.82 -16.99 31.62
C ALA C 82 21.86 -16.52 30.59
N VAL C 83 21.76 -17.06 29.37
CA VAL C 83 22.66 -16.65 28.26
C VAL C 83 22.56 -15.15 27.95
N VAL C 84 21.34 -14.69 27.66
CA VAL C 84 21.09 -13.28 27.32
C VAL C 84 21.62 -12.37 28.39
N ALA C 85 21.51 -12.83 29.64
CA ALA C 85 21.97 -12.04 30.79
C ALA C 85 23.47 -11.94 30.76
N GLU C 86 24.10 -13.01 30.30
CA GLU C 86 25.55 -13.05 30.23
C GLU C 86 26.12 -12.09 29.21
N THR C 87 25.56 -12.08 28.01
CA THR C 87 26.06 -11.18 26.97
C THR C 87 25.74 -9.73 27.32
N GLN C 88 24.53 -9.47 27.81
CA GLN C 88 24.18 -8.09 28.17
C GLN C 88 25.16 -7.55 29.19
N LYS C 89 25.56 -8.44 30.10
CA LYS C 89 26.48 -8.14 31.18
C LYS C 89 27.78 -7.60 30.61
N ASN C 90 28.25 -8.26 29.55
CA ASN C 90 29.48 -7.86 28.89
C ASN C 90 29.35 -6.60 28.03
N GLY C 91 28.18 -6.00 27.99
CA GLY C 91 27.97 -4.81 27.18
C GLY C 91 27.69 -5.03 25.69
N THR C 92 27.11 -6.17 25.34
CA THR C 92 26.78 -6.43 23.96
C THR C 92 25.26 -6.39 23.75
N ILE C 93 24.86 -6.20 22.49
CA ILE C 93 23.49 -6.13 22.04
C ILE C 93 23.13 -7.54 21.63
N SER C 94 22.11 -8.10 22.25
CA SER C 94 21.68 -9.46 21.94
C SER C 94 20.65 -9.50 20.81
N VAL C 95 20.79 -10.48 19.91
CA VAL C 95 19.86 -10.70 18.83
C VAL C 95 19.43 -12.17 18.97
N VAL C 96 18.13 -12.40 19.22
CA VAL C 96 17.64 -13.77 19.40
C VAL C 96 16.89 -14.15 18.14
N LEU C 97 17.25 -15.29 17.57
CA LEU C 97 16.60 -15.78 16.37
C LEU C 97 15.59 -16.85 16.80
N GLY C 98 14.31 -16.57 16.67
CA GLY C 98 13.31 -17.57 17.05
C GLY C 98 13.14 -18.61 15.96
N GLY C 99 12.39 -19.68 16.23
CA GLY C 99 11.74 -19.85 17.53
C GLY C 99 10.43 -19.08 17.63
N ASP C 100 9.47 -19.64 18.33
CA ASP C 100 8.18 -19.00 18.50
C ASP C 100 8.21 -17.97 19.63
N ASN C 101 7.13 -17.21 19.78
CA ASN C 101 7.06 -16.17 20.78
C ASN C 101 7.22 -16.49 22.24
N SER C 102 7.05 -17.75 22.63
CA SER C 102 7.19 -18.13 24.04
C SER C 102 8.60 -17.81 24.49
N MET C 103 9.56 -17.89 23.55
CA MET C 103 10.96 -17.60 23.84
C MET C 103 11.20 -16.11 24.10
N ALA C 104 10.17 -15.30 24.08
CA ALA C 104 10.37 -13.90 24.36
C ALA C 104 10.38 -13.73 25.86
N ILE C 105 9.95 -14.76 26.61
CA ILE C 105 9.94 -14.71 28.09
C ILE C 105 11.39 -14.70 28.61
N GLY C 106 12.19 -15.65 28.12
CA GLY C 106 13.60 -15.75 28.49
C GLY C 106 14.40 -14.54 28.03
N SER C 107 14.21 -14.15 26.77
CA SER C 107 14.89 -13.01 26.17
C SER C 107 14.72 -11.69 26.94
N ILE C 108 13.48 -11.30 27.21
CA ILE C 108 13.19 -10.05 27.91
C ILE C 108 13.59 -10.12 29.39
N SER C 109 13.41 -11.29 30.00
CA SER C 109 13.79 -11.54 31.40
C SER C 109 15.30 -11.30 31.49
N GLY C 110 16.08 -12.12 30.76
CA GLY C 110 17.52 -12.00 30.73
C GLY C 110 17.91 -10.54 30.59
N HIS C 111 17.45 -9.92 29.51
CA HIS C 111 17.74 -8.52 29.25
C HIS C 111 17.39 -7.62 30.44
N ALA C 112 16.27 -7.88 31.11
CA ALA C 112 15.85 -7.05 32.26
C ALA C 112 16.72 -7.20 33.50
N ARG C 113 17.38 -8.36 33.66
CA ARG C 113 18.27 -8.62 34.79
C ARG C 113 19.42 -7.60 34.76
N VAL C 114 19.95 -7.34 33.56
CA VAL C 114 21.03 -6.39 33.41
C VAL C 114 20.52 -4.96 33.21
N HIS C 115 19.36 -4.82 32.56
CA HIS C 115 18.76 -3.48 32.31
C HIS C 115 17.35 -3.44 32.85
N PRO C 116 17.21 -3.21 34.16
CA PRO C 116 15.91 -3.14 34.82
C PRO C 116 14.95 -2.03 34.39
N ASP C 117 15.44 -1.02 33.67
CA ASP C 117 14.58 0.10 33.22
C ASP C 117 14.24 0.11 31.74
N LEU C 118 14.42 -1.02 31.06
CA LEU C 118 14.09 -1.10 29.63
C LEU C 118 12.61 -1.00 29.33
N CYS C 119 12.30 -0.68 28.08
CA CYS C 119 10.91 -0.61 27.60
C CYS C 119 10.85 -1.62 26.46
N VAL C 120 9.66 -2.05 26.10
CA VAL C 120 9.52 -3.03 25.06
C VAL C 120 8.61 -2.48 23.98
N ILE C 121 8.99 -2.68 22.72
CA ILE C 121 8.16 -2.27 21.59
C ILE C 121 7.86 -3.62 20.96
N TRP C 122 6.58 -3.98 21.01
CA TRP C 122 6.14 -5.27 20.52
C TRP C 122 5.45 -5.09 19.17
N VAL C 123 6.10 -5.53 18.08
CA VAL C 123 5.55 -5.44 16.73
C VAL C 123 4.98 -6.80 16.35
N ASP C 124 3.65 -6.86 16.26
CA ASP C 124 2.99 -8.13 16.02
C ASP C 124 1.56 -7.84 15.58
N ALA C 125 0.92 -8.85 15.01
CA ALA C 125 -0.49 -8.77 14.66
C ALA C 125 -1.30 -9.11 15.93
N HIS C 126 -0.61 -9.65 16.95
CA HIS C 126 -1.22 -10.09 18.21
C HIS C 126 -0.62 -9.47 19.46
N THR C 127 -1.37 -9.46 20.56
CA THR C 127 -0.87 -8.93 21.82
C THR C 127 -0.10 -10.03 22.60
N ASP C 128 -0.44 -11.30 22.36
CA ASP C 128 0.16 -12.45 23.05
C ASP C 128 0.19 -12.26 24.58
N ILE C 129 -0.95 -11.85 25.13
CA ILE C 129 -1.13 -11.55 26.54
C ILE C 129 -2.22 -12.41 27.25
N ASN C 130 -2.46 -13.61 26.73
CA ASN C 130 -3.44 -14.52 27.33
C ASN C 130 -2.83 -15.15 28.57
N THR C 131 -3.57 -15.17 29.69
CA THR C 131 -3.06 -15.82 30.90
C THR C 131 -3.42 -17.29 30.73
N PRO C 132 -2.86 -18.19 31.59
CA PRO C 132 -3.20 -19.62 31.46
C PRO C 132 -4.72 -19.87 31.65
N LEU C 133 -5.42 -18.87 32.21
CA LEU C 133 -6.85 -18.97 32.43
C LEU C 133 -7.62 -18.56 31.17
N THR C 134 -7.33 -17.35 30.67
CA THR C 134 -8.00 -16.82 29.47
C THR C 134 -7.73 -17.58 28.17
N THR C 135 -6.54 -18.17 28.02
CA THR C 135 -6.20 -18.94 26.81
C THR C 135 -7.33 -19.88 26.35
N SER C 136 -7.62 -19.93 25.05
CA SER C 136 -8.64 -20.84 24.53
C SER C 136 -7.96 -22.08 23.99
N SER C 137 -6.62 -22.10 24.11
CA SER C 137 -5.76 -23.21 23.67
C SER C 137 -4.67 -23.32 24.72
N GLY C 138 -3.88 -24.38 24.68
CA GLY C 138 -2.81 -24.52 25.65
C GLY C 138 -1.63 -23.60 25.37
N ASN C 139 -1.33 -23.52 24.07
CA ASN C 139 -0.24 -22.74 23.46
C ASN C 139 0.34 -21.54 24.23
N LEU C 140 1.62 -21.69 24.59
CA LEU C 140 2.33 -20.67 25.35
C LEU C 140 2.87 -19.49 24.51
N HIS C 141 2.98 -19.68 23.20
CA HIS C 141 3.45 -18.60 22.32
C HIS C 141 2.47 -17.45 22.39
N GLY C 142 1.23 -17.72 22.80
CA GLY C 142 0.24 -16.68 22.90
C GLY C 142 0.17 -16.05 24.27
N GLN C 143 1.07 -16.43 25.18
CA GLN C 143 1.05 -15.91 26.56
C GLN C 143 2.28 -15.21 27.12
N PRO C 144 3.30 -14.93 26.28
CA PRO C 144 4.51 -14.27 26.81
C PRO C 144 4.35 -13.07 27.70
N VAL C 145 3.63 -12.08 27.21
CA VAL C 145 3.46 -10.86 27.97
C VAL C 145 2.75 -11.03 29.33
N ALA C 146 1.91 -12.06 29.47
CA ALA C 146 1.22 -12.32 30.75
C ALA C 146 2.26 -12.69 31.84
N PHE C 147 3.22 -13.54 31.49
CA PHE C 147 4.25 -13.92 32.42
C PHE C 147 5.25 -12.83 32.71
N LEU C 148 5.20 -11.71 32.00
CA LEU C 148 6.18 -10.62 32.21
C LEU C 148 5.66 -9.35 32.86
N LEU C 149 4.34 -9.21 32.88
CA LEU C 149 3.75 -8.03 33.44
C LEU C 149 3.60 -8.08 34.96
N LYS C 150 4.07 -7.02 35.61
CA LYS C 150 3.97 -6.93 37.05
C LYS C 150 2.47 -6.95 37.43
N GLU C 151 1.71 -6.08 36.79
CA GLU C 151 0.26 -5.94 37.04
C GLU C 151 -0.58 -7.20 36.86
N LEU C 152 0.05 -8.30 36.46
CA LEU C 152 -0.71 -9.52 36.24
C LEU C 152 -0.19 -10.62 37.14
N LYS C 153 0.65 -10.21 38.09
CA LYS C 153 1.29 -11.11 39.04
C LYS C 153 0.24 -11.63 39.99
N GLY C 154 0.02 -12.95 39.95
CA GLY C 154 -0.96 -13.55 40.83
C GLY C 154 -2.40 -13.55 40.34
N LYS C 155 -2.62 -13.06 39.12
CA LYS C 155 -3.97 -13.05 38.58
C LYS C 155 -4.15 -14.40 37.88
N PHE C 156 -3.25 -15.33 38.16
CA PHE C 156 -3.31 -16.68 37.60
C PHE C 156 -2.40 -17.63 38.36
N PRO C 157 -2.70 -18.95 38.32
CA PRO C 157 -1.90 -19.98 39.00
C PRO C 157 -0.44 -20.08 38.57
N ASP C 158 0.42 -20.50 39.49
CA ASP C 158 1.83 -20.66 39.18
C ASP C 158 2.01 -21.87 38.29
N VAL C 159 2.64 -21.66 37.15
CA VAL C 159 2.84 -22.72 36.18
C VAL C 159 4.18 -23.44 36.37
N PRO C 160 4.15 -24.78 36.31
CA PRO C 160 5.35 -25.60 36.46
C PRO C 160 6.40 -25.25 35.40
N GLY C 161 7.60 -24.90 35.87
CA GLY C 161 8.69 -24.56 34.98
C GLY C 161 8.98 -23.08 34.94
N PHE C 162 8.08 -22.26 35.48
CA PHE C 162 8.24 -20.82 35.45
C PHE C 162 8.42 -20.19 36.81
N SER C 163 8.93 -20.95 37.78
CA SER C 163 9.10 -20.43 39.15
C SER C 163 10.15 -19.33 39.19
N TRP C 164 11.12 -19.46 38.30
CA TRP C 164 12.25 -18.51 38.15
C TRP C 164 11.87 -17.15 37.60
N VAL C 165 10.79 -17.11 36.83
CA VAL C 165 10.30 -15.88 36.22
C VAL C 165 9.93 -14.81 37.25
N THR C 166 10.39 -13.59 37.01
CA THR C 166 10.10 -12.45 37.87
C THR C 166 9.55 -11.36 36.95
N PRO C 167 8.32 -10.92 37.17
CA PRO C 167 7.72 -9.88 36.33
C PRO C 167 8.63 -8.67 36.30
N CYS C 168 9.22 -8.41 35.13
CA CYS C 168 10.17 -7.29 34.95
C CYS C 168 9.65 -5.98 34.40
N ILE C 169 8.60 -6.03 33.58
CA ILE C 169 8.02 -4.80 33.00
C ILE C 169 6.61 -4.47 33.49
N SER C 170 6.35 -3.19 33.70
CA SER C 170 5.03 -2.73 34.12
C SER C 170 4.25 -2.35 32.84
N ALA C 171 2.94 -2.17 32.97
CA ALA C 171 2.09 -1.82 31.84
C ALA C 171 2.50 -0.52 31.12
N LYS C 172 3.28 0.32 31.79
CA LYS C 172 3.72 1.59 31.21
C LYS C 172 5.05 1.47 30.46
N ASP C 173 5.59 0.27 30.35
CA ASP C 173 6.86 0.08 29.66
C ASP C 173 6.76 -0.69 28.35
N ILE C 174 5.55 -1.02 27.91
CA ILE C 174 5.37 -1.76 26.69
C ILE C 174 4.40 -1.02 25.76
N VAL C 175 4.71 -1.01 24.45
CA VAL C 175 3.88 -0.41 23.42
C VAL C 175 3.70 -1.48 22.36
N TYR C 176 2.49 -1.59 21.86
CA TYR C 176 2.18 -2.57 20.82
C TYR C 176 2.01 -1.86 19.50
N ILE C 177 2.48 -2.48 18.41
CA ILE C 177 2.32 -1.91 17.09
C ILE C 177 1.92 -2.98 16.09
N GLY C 178 0.83 -2.72 15.36
CA GLY C 178 0.35 -3.64 14.34
C GLY C 178 -0.78 -4.61 14.65
N LEU C 179 -1.45 -4.43 15.78
CA LEU C 179 -2.55 -5.31 16.24
C LEU C 179 -3.73 -5.37 15.28
N ARG C 180 -4.24 -6.59 15.08
CA ARG C 180 -5.34 -6.82 14.19
C ARG C 180 -5.98 -8.19 14.45
N ASP C 181 -5.54 -8.84 15.52
CA ASP C 181 -6.06 -10.17 15.85
C ASP C 181 -5.99 -10.41 17.37
N VAL C 182 -6.81 -9.67 18.12
CA VAL C 182 -6.85 -9.71 19.58
C VAL C 182 -8.05 -10.49 20.15
N ASP C 183 -7.80 -11.34 21.14
CA ASP C 183 -8.89 -12.10 21.76
C ASP C 183 -9.69 -11.23 22.78
N PRO C 184 -10.93 -11.61 23.08
CA PRO C 184 -11.71 -10.83 24.03
C PRO C 184 -11.02 -10.64 25.36
N GLY C 185 -10.38 -11.71 25.86
CA GLY C 185 -9.66 -11.64 27.13
C GLY C 185 -8.47 -10.71 27.05
N GLU C 186 -7.71 -10.83 25.97
CA GLU C 186 -6.57 -9.97 25.75
C GLU C 186 -7.06 -8.55 25.65
N HIS C 187 -8.11 -8.35 24.86
CA HIS C 187 -8.63 -7.01 24.70
C HIS C 187 -9.06 -6.44 26.03
N TYR C 188 -9.66 -7.29 26.86
CA TYR C 188 -10.14 -6.88 28.17
C TYR C 188 -8.93 -6.40 29.00
N ILE C 189 -7.87 -7.22 29.03
CA ILE C 189 -6.64 -6.90 29.78
C ILE C 189 -5.95 -5.58 29.40
N ILE C 190 -5.66 -5.40 28.10
CA ILE C 190 -4.99 -4.18 27.61
C ILE C 190 -5.88 -2.96 27.83
N LYS C 191 -7.20 -3.19 27.80
CA LYS C 191 -8.17 -2.13 28.03
C LYS C 191 -8.22 -1.77 29.52
N THR C 192 -8.22 -2.81 30.37
CA THR C 192 -8.26 -2.64 31.83
C THR C 192 -6.97 -1.99 32.36
N LEU C 193 -5.83 -2.63 32.12
CA LEU C 193 -4.54 -2.14 32.60
C LEU C 193 -4.03 -0.84 31.98
N GLY C 194 -4.74 -0.33 30.98
CA GLY C 194 -4.32 0.91 30.33
C GLY C 194 -3.06 0.81 29.48
N ILE C 195 -2.87 -0.31 28.77
CA ILE C 195 -1.67 -0.50 27.92
C ILE C 195 -1.74 0.28 26.60
N LYS C 196 -0.63 0.92 26.23
CA LYS C 196 -0.56 1.72 24.99
C LYS C 196 -0.35 0.86 23.76
N TYR C 197 -1.15 1.11 22.72
CA TYR C 197 -1.07 0.32 21.51
C TYR C 197 -1.55 1.07 20.29
N PHE C 198 -1.06 0.63 19.13
CA PHE C 198 -1.41 1.19 17.84
C PHE C 198 -1.73 -0.01 16.99
N SER C 199 -3.03 -0.29 16.88
CA SER C 199 -3.47 -1.41 16.05
C SER C 199 -3.51 -0.87 14.63
N MET C 200 -3.76 -1.74 13.66
CA MET C 200 -3.82 -1.32 12.27
C MET C 200 -4.72 -0.13 12.06
N THR C 201 -5.78 0.02 12.85
CA THR C 201 -6.64 1.17 12.65
C THR C 201 -5.95 2.47 13.02
N GLU C 202 -5.08 2.45 14.03
CA GLU C 202 -4.33 3.66 14.40
C GLU C 202 -3.22 3.93 13.38
N VAL C 203 -2.62 2.87 12.83
CA VAL C 203 -1.58 3.01 11.81
C VAL C 203 -2.25 3.66 10.57
N ASP C 204 -3.46 3.19 10.23
CA ASP C 204 -4.23 3.72 9.12
C ASP C 204 -4.58 5.20 9.31
N LYS C 205 -4.94 5.58 10.53
CA LYS C 205 -5.33 6.95 10.82
C LYS C 205 -4.19 7.96 10.89
N LEU C 206 -3.13 7.60 11.62
CA LEU C 206 -1.97 8.48 11.87
C LEU C 206 -0.78 8.44 10.89
N GLY C 207 -0.57 7.26 10.29
CA GLY C 207 0.55 7.07 9.38
C GLY C 207 1.69 6.55 10.23
N ILE C 208 2.53 5.67 9.68
CA ILE C 208 3.62 5.13 10.47
C ILE C 208 4.59 6.20 11.01
N GLY C 209 4.68 7.33 10.33
CA GLY C 209 5.57 8.38 10.80
C GLY C 209 5.14 8.93 12.14
N LYS C 210 3.85 9.28 12.22
CA LYS C 210 3.25 9.84 13.44
C LYS C 210 3.14 8.78 14.52
N VAL C 211 3.04 7.52 14.11
CA VAL C 211 2.95 6.41 15.04
C VAL C 211 4.28 6.26 15.80
N MET C 212 5.39 6.26 15.08
CA MET C 212 6.69 6.10 15.74
C MET C 212 7.01 7.30 16.61
N GLU C 213 6.64 8.47 16.13
CA GLU C 213 6.87 9.70 16.86
C GLU C 213 6.20 9.60 18.22
N GLU C 214 4.98 9.06 18.19
CA GLU C 214 4.15 8.89 19.38
C GLU C 214 4.76 7.88 20.33
N THR C 215 5.10 6.68 19.85
CA THR C 215 5.66 5.69 20.73
C THR C 215 6.96 6.16 21.41
N PHE C 216 7.81 6.90 20.71
CA PHE C 216 9.04 7.35 21.35
C PHE C 216 8.82 8.41 22.46
N SER C 217 7.82 9.26 22.32
CA SER C 217 7.60 10.24 23.39
C SER C 217 6.84 9.60 24.56
N TYR C 218 6.09 8.54 24.31
CA TYR C 218 5.39 7.88 25.41
C TYR C 218 6.46 7.19 26.24
N LEU C 219 7.20 6.30 25.57
CA LEU C 219 8.28 5.53 26.16
C LEU C 219 9.52 6.29 26.62
N LEU C 220 10.04 7.21 25.80
CA LEU C 220 11.27 7.95 26.11
C LEU C 220 11.11 9.43 26.49
N GLY C 221 9.88 9.90 26.62
CA GLY C 221 9.63 11.30 26.94
C GLY C 221 10.10 11.77 28.30
N ARG C 222 9.92 10.92 29.31
CA ARG C 222 10.33 11.24 30.68
C ARG C 222 11.82 11.00 30.93
N LYS C 223 12.35 9.92 30.36
CA LYS C 223 13.75 9.63 30.51
C LYS C 223 14.21 8.50 29.58
N LYS C 224 15.44 8.63 29.07
CA LYS C 224 16.02 7.67 28.15
C LYS C 224 16.36 6.37 28.84
N ARG C 225 16.09 5.26 28.17
CA ARG C 225 16.36 3.94 28.71
C ARG C 225 16.49 2.99 27.52
N PRO C 226 17.25 1.89 27.70
CA PRO C 226 17.45 0.90 26.63
C PRO C 226 16.14 0.29 26.15
N ILE C 227 16.10 -0.04 24.86
CA ILE C 227 14.94 -0.59 24.19
C ILE C 227 15.10 -2.05 23.78
N HIS C 228 14.04 -2.83 23.94
CA HIS C 228 14.04 -4.23 23.51
C HIS C 228 12.93 -4.30 22.46
N LEU C 229 13.33 -4.61 21.22
CA LEU C 229 12.37 -4.70 20.13
C LEU C 229 12.08 -6.17 19.91
N SER C 230 10.87 -6.57 20.21
CA SER C 230 10.51 -7.96 20.00
C SER C 230 9.71 -7.92 18.70
N PHE C 231 10.33 -8.39 17.61
CA PHE C 231 9.72 -8.37 16.28
C PHE C 231 9.16 -9.67 15.83
N ASP C 232 7.84 -9.69 15.60
CA ASP C 232 7.21 -10.90 15.12
C ASP C 232 6.90 -10.69 13.67
N VAL C 233 7.48 -11.56 12.86
CA VAL C 233 7.30 -11.55 11.44
C VAL C 233 5.84 -11.49 10.95
N ASP C 234 4.85 -11.85 11.78
CA ASP C 234 3.44 -11.76 11.32
C ASP C 234 2.84 -10.37 11.48
N GLY C 235 3.59 -9.45 12.08
CA GLY C 235 3.10 -8.09 12.19
C GLY C 235 3.06 -7.48 10.79
N LEU C 236 3.72 -8.07 9.81
CA LEU C 236 3.70 -7.55 8.45
C LEU C 236 2.66 -8.33 7.68
N ASP C 237 2.17 -7.82 6.55
CA ASP C 237 1.15 -8.51 5.77
C ASP C 237 1.63 -9.86 5.23
N PRO C 238 0.77 -10.92 5.24
CA PRO C 238 1.13 -12.26 4.74
C PRO C 238 1.69 -12.27 3.30
N VAL C 239 1.52 -11.15 2.60
CA VAL C 239 1.99 -11.05 1.23
C VAL C 239 3.53 -10.88 1.25
N PHE C 240 4.03 -10.34 2.36
CA PHE C 240 5.47 -10.13 2.59
C PHE C 240 6.11 -11.28 3.39
N THR C 241 5.48 -11.67 4.49
CA THR C 241 6.01 -12.72 5.36
C THR C 241 4.98 -13.85 5.50
N PRO C 242 4.74 -14.56 4.41
CA PRO C 242 3.77 -15.65 4.44
C PRO C 242 4.11 -16.87 5.31
N ALA C 243 5.39 -17.24 5.41
CA ALA C 243 5.81 -18.43 6.18
C ALA C 243 5.87 -18.32 7.73
N THR C 244 4.71 -18.11 8.35
CA THR C 244 4.53 -18.04 9.80
C THR C 244 3.28 -18.87 10.08
N GLY C 245 3.08 -19.19 11.35
CA GLY C 245 1.94 -19.98 11.77
C GLY C 245 0.62 -19.26 11.89
N THR C 246 0.61 -17.99 12.27
CA THR C 246 -0.66 -17.29 12.40
C THR C 246 -0.78 -16.02 11.54
N PRO C 247 -0.80 -16.17 10.19
CA PRO C 247 -0.91 -15.02 9.28
C PRO C 247 -2.29 -14.37 9.31
N VAL C 248 -2.33 -13.05 9.32
CA VAL C 248 -3.60 -12.33 9.37
C VAL C 248 -3.56 -11.17 8.35
N VAL C 249 -4.33 -11.26 7.26
CA VAL C 249 -4.32 -10.21 6.26
C VAL C 249 -4.65 -8.84 6.83
N GLY C 250 -4.16 -7.82 6.14
CA GLY C 250 -4.38 -6.45 6.58
C GLY C 250 -3.24 -5.98 7.45
N GLY C 251 -2.01 -6.37 7.11
CA GLY C 251 -0.87 -6.00 7.91
C GLY C 251 -0.05 -4.80 7.52
N LEU C 252 1.03 -4.62 8.28
CA LEU C 252 1.99 -3.57 8.02
C LEU C 252 2.65 -3.95 6.69
N SER C 253 3.10 -2.95 5.95
CA SER C 253 3.74 -3.22 4.67
C SER C 253 5.25 -3.28 4.89
N TYR C 254 5.94 -3.82 3.89
CA TYR C 254 7.40 -3.91 3.91
C TYR C 254 8.00 -2.53 4.25
N ARG C 255 7.44 -1.49 3.62
CA ARG C 255 7.89 -0.15 3.86
C ARG C 255 7.69 0.23 5.30
N GLU C 256 6.47 0.03 5.81
CA GLU C 256 6.17 0.37 7.21
C GLU C 256 7.09 -0.40 8.16
N GLY C 257 7.35 -1.68 7.84
CA GLY C 257 8.25 -2.52 8.60
C GLY C 257 9.60 -1.86 8.71
N LEU C 258 10.24 -1.60 7.57
CA LEU C 258 11.55 -0.92 7.52
C LEU C 258 11.54 0.47 8.14
N TYR C 259 10.42 1.18 8.06
CA TYR C 259 10.39 2.49 8.69
C TYR C 259 10.50 2.33 10.23
N ILE C 260 9.83 1.32 10.81
CA ILE C 260 9.88 1.08 12.26
C ILE C 260 11.32 0.85 12.73
N THR C 261 11.99 -0.12 12.09
CA THR C 261 13.38 -0.49 12.39
C THR C 261 14.36 0.65 12.12
N GLU C 262 14.11 1.40 11.05
CA GLU C 262 14.96 2.53 10.71
C GLU C 262 14.89 3.60 11.77
N GLU C 263 13.70 3.88 12.23
CA GLU C 263 13.54 4.88 13.28
C GLU C 263 14.19 4.45 14.60
N ILE C 264 14.06 3.17 14.92
CA ILE C 264 14.62 2.61 16.14
C ILE C 264 16.13 2.79 16.13
N TYR C 265 16.79 2.41 15.05
CA TYR C 265 18.25 2.59 14.96
C TYR C 265 18.61 4.01 15.34
N LYS C 266 17.92 4.99 14.77
CA LYS C 266 18.20 6.40 15.04
C LYS C 266 18.16 6.86 16.51
N THR C 267 17.48 6.12 17.38
CA THR C 267 17.43 6.51 18.80
C THR C 267 18.78 6.14 19.43
N GLY C 268 19.42 5.12 18.88
CA GLY C 268 20.69 4.67 19.42
C GLY C 268 20.50 3.95 20.74
N LEU C 269 19.27 3.54 21.01
CA LEU C 269 18.96 2.85 22.27
C LEU C 269 18.64 1.37 22.12
N LEU C 270 18.67 0.86 20.88
CA LEU C 270 18.36 -0.56 20.69
C LEU C 270 19.38 -1.38 21.47
N SER C 271 18.89 -2.15 22.45
CA SER C 271 19.76 -2.99 23.29
C SER C 271 19.46 -4.50 23.11
N GLY C 272 18.21 -4.82 22.78
CA GLY C 272 17.82 -6.21 22.58
C GLY C 272 16.83 -6.30 21.45
N LEU C 273 16.90 -7.39 20.69
CA LEU C 273 16.04 -7.58 19.54
C LEU C 273 15.78 -9.06 19.31
N ASP C 274 14.55 -9.39 18.92
CA ASP C 274 14.16 -10.76 18.65
C ASP C 274 13.53 -10.76 17.27
N ILE C 275 13.75 -11.83 16.50
CA ILE C 275 13.14 -12.01 15.17
C ILE C 275 12.44 -13.35 15.33
N MET C 276 11.17 -13.31 15.66
CA MET C 276 10.45 -14.55 15.93
C MET C 276 9.49 -15.02 14.89
N GLU C 277 9.08 -16.26 15.06
CA GLU C 277 8.09 -16.87 14.22
C GLU C 277 8.37 -17.23 12.78
N VAL C 278 9.62 -17.14 12.31
CA VAL C 278 9.92 -17.53 10.92
C VAL C 278 9.83 -19.05 10.77
N ASN C 279 8.74 -19.53 10.20
CA ASN C 279 8.52 -20.96 10.03
C ASN C 279 8.80 -21.45 8.61
N PRO C 280 10.04 -21.89 8.33
CA PRO C 280 10.44 -22.38 7.01
C PRO C 280 9.52 -23.43 6.40
N THR C 281 8.89 -24.29 7.21
CA THR C 281 8.02 -25.34 6.66
C THR C 281 6.57 -24.93 6.29
N LEU C 282 6.22 -23.67 6.53
CA LEU C 282 4.89 -23.20 6.24
C LEU C 282 4.67 -22.44 4.92
N GLY C 283 5.66 -22.36 4.05
CA GLY C 283 5.42 -21.65 2.81
C GLY C 283 4.82 -22.60 1.79
N LYS C 284 3.87 -22.15 0.97
CA LYS C 284 3.29 -23.00 -0.07
C LYS C 284 4.40 -23.43 -1.05
N THR C 285 5.12 -22.42 -1.55
CA THR C 285 6.22 -22.61 -2.49
C THR C 285 7.51 -22.10 -1.89
N PRO C 286 8.68 -22.61 -2.35
CA PRO C 286 9.96 -22.14 -1.80
C PRO C 286 10.10 -20.61 -1.89
N GLU C 287 9.50 -19.98 -2.90
CA GLU C 287 9.59 -18.51 -3.04
C GLU C 287 9.01 -17.80 -1.81
N GLU C 288 8.00 -18.40 -1.19
CA GLU C 288 7.38 -17.81 -0.01
C GLU C 288 8.31 -17.88 1.19
N VAL C 289 9.14 -18.92 1.26
CA VAL C 289 10.12 -19.07 2.35
C VAL C 289 11.23 -18.02 2.18
N THR C 290 11.72 -17.88 0.95
CA THR C 290 12.75 -16.91 0.63
C THR C 290 12.25 -15.51 0.91
N ARG C 291 11.01 -15.24 0.52
CA ARG C 291 10.39 -13.93 0.73
C ARG C 291 10.34 -13.61 2.22
N THR C 292 9.87 -14.54 3.04
CA THR C 292 9.77 -14.31 4.48
C THR C 292 11.17 -14.08 5.07
N VAL C 293 12.09 -15.00 4.77
CA VAL C 293 13.48 -14.96 5.25
C VAL C 293 14.16 -13.64 4.87
N ASN C 294 14.07 -13.28 3.59
CA ASN C 294 14.66 -12.03 3.13
C ASN C 294 14.16 -10.80 3.84
N THR C 295 12.84 -10.72 4.09
CA THR C 295 12.35 -9.54 4.78
C THR C 295 12.73 -9.54 6.26
N ALA C 296 12.87 -10.75 6.84
CA ALA C 296 13.29 -10.88 8.23
C ALA C 296 14.73 -10.34 8.37
N VAL C 297 15.60 -10.73 7.43
CA VAL C 297 17.01 -10.25 7.39
C VAL C 297 17.07 -8.73 7.13
N ALA C 298 16.31 -8.26 6.15
CA ALA C 298 16.25 -6.85 5.82
C ALA C 298 15.91 -6.02 7.05
N LEU C 299 14.94 -6.51 7.83
CA LEU C 299 14.51 -5.87 9.06
C LEU C 299 15.68 -5.82 10.07
N THR C 300 16.38 -6.94 10.19
CA THR C 300 17.51 -7.01 11.10
C THR C 300 18.61 -5.99 10.78
N LEU C 301 19.08 -5.98 9.53
CA LEU C 301 20.14 -5.05 9.10
C LEU C 301 19.70 -3.61 9.25
N SER C 302 18.40 -3.37 9.04
CA SER C 302 17.89 -2.02 9.21
C SER C 302 18.07 -1.55 10.66
N CYS C 303 17.85 -2.44 11.62
CA CYS C 303 18.01 -2.07 13.03
C CYS C 303 19.45 -1.66 13.31
N PHE C 304 20.39 -2.23 12.55
CA PHE C 304 21.82 -1.94 12.73
C PHE C 304 22.51 -1.00 11.73
N GLY C 305 21.78 0.02 11.30
CA GLY C 305 22.36 1.01 10.41
C GLY C 305 22.01 1.08 8.93
N THR C 306 21.59 -0.02 8.33
CA THR C 306 21.24 0.00 6.92
C THR C 306 20.05 0.95 6.62
N LYS C 307 20.33 1.94 5.78
CA LYS C 307 19.34 2.91 5.40
C LYS C 307 18.99 2.71 3.93
N ARG C 308 17.76 3.12 3.58
CA ARG C 308 17.25 3.00 2.23
C ARG C 308 17.87 4.07 1.34
N GLU C 309 18.14 5.23 1.92
CA GLU C 309 18.77 6.32 1.20
C GLU C 309 20.23 5.95 0.87
N GLY C 310 20.69 4.82 1.40
CA GLY C 310 22.05 4.36 1.18
C GLY C 310 22.97 4.58 2.39
N ASN C 311 24.15 3.96 2.36
CA ASN C 311 25.15 4.05 3.44
C ASN C 311 26.49 4.08 2.75
N HIS C 312 27.49 4.66 3.42
CA HIS C 312 28.86 4.73 2.88
C HIS C 312 29.85 4.79 4.05
N LYS C 313 30.97 4.09 3.90
CA LYS C 313 31.99 4.07 4.95
C LYS C 313 32.62 5.45 5.08
N PRO C 314 32.59 6.03 6.30
CA PRO C 314 33.19 7.36 6.50
C PRO C 314 34.72 7.21 6.46
N GLU C 315 35.44 8.32 6.37
CA GLU C 315 36.89 8.28 6.33
C GLU C 315 37.41 7.76 4.98
N THR C 316 36.53 7.22 4.16
CA THR C 316 36.89 6.75 2.84
C THR C 316 36.45 7.88 1.91
N ASP C 317 37.31 8.25 0.97
CA ASP C 317 36.98 9.31 0.03
C ASP C 317 36.74 8.67 -1.33
N TYR C 318 35.52 8.85 -1.83
CA TYR C 318 35.15 8.33 -3.13
C TYR C 318 35.36 9.54 -4.04
N LEU C 319 35.71 9.29 -5.30
CA LEU C 319 35.99 10.33 -6.31
C LEU C 319 37.51 10.51 -6.43
MN MN D . -18.09 0.48 -9.43
MN MN E . 16.63 2.88 -11.71
MN MN F . 2.20 -12.85 16.11
#